data_9VJ6
#
_entry.id   9VJ6
#
_cell.length_a   1.00
_cell.length_b   1.00
_cell.length_c   1.00
_cell.angle_alpha   90.00
_cell.angle_beta   90.00
_cell.angle_gamma   90.00
#
_symmetry.space_group_name_H-M   'P 1'
#
loop_
_entity.id
_entity.type
_entity.pdbx_description
1 polymer 'Guanine nucleotide-binding protein G(i) subunit alpha-3'
2 polymer 'Guanine nucleotide-binding protein G(I)/G(S)/G(T) subunit beta-1'
3 polymer 'Guanine nucleotide-binding protein G(I)/G(S)/G(O) subunit gamma-2'
4 polymer ScFv16
5 polymer 'Soluble cytochrome b562,5-hydroxytryptamine receptor 1A'
6 non-polymer (3-chloranyl-4-fluoranyl-phenyl)-[4-fluoranyl-4-[[(5-methylpyrimidin-2-yl)methylamino]methyl]piperidin-1-yl]methanone
7 non-polymer CHOLESTEROL
8 non-polymer '(2R)-1-(heptadecanoyloxy)-3-{[(R)-hydroxy{[(1R,2R,3R,4R,5S,6R)-2,3,5,6-tetrahydroxy-4-(phosphonooxy)cyclohexyl]oxy}phosphoryl]oxy}propan-2-yl (5Z,8Z,11Z,14Z)-icosa-5,8,11,14-tetraenoate'
#
loop_
_entity_poly.entity_id
_entity_poly.type
_entity_poly.pdbx_seq_one_letter_code
_entity_poly.pdbx_strand_id
1 'polypeptide(L)'
;MGCTLSAEDKAAVERSKMIDRNLREDGEKAAKEVKLLLLGAGESGKNTIVKQMKIIHEDGYSEDECKQYKVVVYSNTIQS
IIAIIRAMGRLKIDFGEAARADDARQLFVLAGSAEEGVMTPELAGVIKRLWRDGGVQACFSRSREYQLNDSASYYLNDLD
RISQSNYIPTQQDVLRTRVKTTGIVETHFTFKDLYFKMFDVGAQRSERKKWIHCFEGVTAIIFCVALSDYDLVLAEDEEM
NRMHASMKLFDSICNNKWFTETSIILFLNKKDLFEEKIKRSPLTICYPEYTGSNTYEEAAAYIQCQFEDLNRRKDTKEIY
THFTCSTDTKNVQFVFDAVTDVIIKNNLKECGLY
;
B
2 'polypeptide(L)'
;MHHHHHHLEVLFQGPGSSGSELDQLRQEAEQLKNQIRDARKACADATLSQITNNIDPVGRIQMRTRRTLRGHLAKIYAMH
WGTDSRLLVSASQDGKLIIWDSYTTNKVHAIPLRSSWVMTCAYAPSGNYVACGGLDNICSIYNLKTREGNVRVSRELAGH
TGYLSCCRFLDDNQIVTSSGDTTCALWDIETGQQTTTFTGHTGDVMSLSLAPDTRLFVSGACDASAKLWDVREGMCRQTF
TGHESDINAICFFPNGNAFATGSDDATCRLFDLRADQELMTYSHDNIICGITSVSFSKSGRLLLAGYDDFNCNVWDALKA
DRAGVLAGHDNRVSCLGVTDDGMAVATGSWDSFLKIWN
;
C
3 'polypeptide(L)' MASNNTASIAQARKLVEQLKMEANIDRIKVSKAAADLMAYCEAHAKEDPLLTPVPASENPFREKKFFCAIL D
4 'polypeptide(L)'
;DVQLVESGGGLVQPGGSRKLSCSASGFAFSSFGMHWVRQAPEKGLEWVAYISSGSGTIYYADTVKGRFTISRDDPKNTLF
LQMTSLRSEDTAMYYCVRSIYYYGSSPFDFWGQGTTLTVSSGGGGSGGGGSGGGGSDIVMTQATSSVPVTPGESVSISCR
SSKSLLHSNGNTYLYWFLQRPGQSPQLLIYRMSNLASGVPDRFSGSGSGTAFTLTISRLEAEDVGVYYCMQHLEYPLTFG
AGTKLELKAAA
;
E
5 'polypeptide(L)'
;DYKDDDDAKLQTMHHHHHHHHHHENLYFQGGTTMADLEDNWETLNDNLKVIEKADNAAQVKDALTKMRAAALDAQKATPP
KLEDKSPDSPEMKDFRHGFDILVGQIDDALKLANEGKVKEAQAAAEQLKTTRNAYIQKYLGSTLEVLFQGPTTGISDVTV
SYQVITSLLLGTLIFCAVLGNACVVAAIALERSLQNVANYLIGSLAVTDLMVSVLVLPMAALYQVLNKWTLGQVTCDLFI
ALDVLCCTSSIWHLCAIALDRYWAITDPIDYVNKRTPRRAAALISLTWLIGFLISIPPMLGWRTPEDRSDPDACTISKDH
GYTIYSTFGAFYIPLLLMLVLYGRIFRAARFRIRKTVKKVEKTGADTRHGASPAPQPKKSVNGESGSRNWRLGVESKAGG
ALCANGAVRQGDDGAALEVIEVHRVGNSKEHLPLPSEAGPTPCAPASFERKNERNAEAKRKMALARERKTVKTLGIIMGT
FILCWLPFFIVALVLPFCESSCHMPTLLGAIINWLGYSNSLLNPVIYAYFNKDFQNAFKKIIKCKFCRQ
;
R
#
# COMPACT_ATOMS: atom_id res chain seq x y z
N LEU A 5 8.74 -21.57 -14.16
CA LEU A 5 9.67 -20.54 -13.71
C LEU A 5 11.12 -20.99 -13.91
N SER A 6 11.89 -20.14 -14.57
CA SER A 6 13.31 -20.40 -14.77
C SER A 6 14.07 -20.12 -13.49
N ALA A 7 15.37 -20.39 -13.50
CA ALA A 7 16.20 -20.13 -12.34
C ALA A 7 16.20 -18.65 -12.00
N GLU A 8 16.33 -17.80 -13.01
CA GLU A 8 16.29 -16.36 -12.80
C GLU A 8 14.89 -15.91 -12.40
N ASP A 9 13.86 -16.54 -12.93
CA ASP A 9 12.50 -16.24 -12.49
C ASP A 9 12.31 -16.61 -11.02
N LYS A 10 12.85 -17.75 -10.60
CA LYS A 10 12.75 -18.15 -9.20
C LYS A 10 13.51 -17.20 -8.29
N ALA A 11 14.68 -16.73 -8.73
CA ALA A 11 15.43 -15.78 -7.92
C ALA A 11 14.77 -14.41 -7.89
N ALA A 12 14.10 -14.02 -8.98
CA ALA A 12 13.34 -12.78 -8.96
C ALA A 12 12.13 -12.89 -8.03
N VAL A 13 11.48 -14.05 -8.00
CA VAL A 13 10.39 -14.27 -7.06
C VAL A 13 10.90 -14.22 -5.63
N GLU A 14 12.07 -14.80 -5.39
CA GLU A 14 12.67 -14.74 -4.06
C GLU A 14 12.99 -13.30 -3.67
N ARG A 15 13.50 -12.50 -4.61
CA ARG A 15 13.74 -11.09 -4.34
C ARG A 15 12.44 -10.36 -4.01
N SER A 16 11.38 -10.66 -4.76
CA SER A 16 10.09 -10.03 -4.48
C SER A 16 9.57 -10.44 -3.09
N LYS A 17 9.85 -11.68 -2.68
CA LYS A 17 9.43 -12.13 -1.35
C LYS A 17 10.24 -11.44 -0.25
N MET A 18 11.53 -11.21 -0.49
CA MET A 18 12.31 -10.43 0.46
C MET A 18 11.80 -9.00 0.54
N ILE A 19 11.42 -8.43 -0.59
CA ILE A 19 10.83 -7.09 -0.59
C ILE A 19 9.52 -7.10 0.18
N ASP A 20 8.71 -8.13 -0.01
CA ASP A 20 7.46 -8.25 0.73
C ASP A 20 7.71 -8.33 2.22
N ARG A 21 8.72 -9.11 2.63
CA ARG A 21 9.07 -9.18 4.03
C ARG A 21 9.43 -7.80 4.56
N ASN A 22 10.37 -7.12 3.89
CA ASN A 22 10.82 -5.81 4.36
C ASN A 22 9.67 -4.82 4.43
N LEU A 23 8.75 -4.88 3.48
CA LEU A 23 7.55 -4.06 3.56
C LEU A 23 6.73 -4.42 4.78
N ARG A 24 6.66 -5.71 5.12
CA ARG A 24 5.90 -6.12 6.30
C ARG A 24 6.51 -5.55 7.58
N GLU A 25 7.83 -5.69 7.76
CA GLU A 25 8.40 -5.09 8.97
C GLU A 25 8.33 -3.57 8.97
N ASP A 26 8.44 -2.94 7.80
CA ASP A 26 8.30 -1.48 7.76
C ASP A 26 6.89 -1.05 8.16
N GLY A 27 5.87 -1.78 7.69
CA GLY A 27 4.51 -1.46 8.09
C GLY A 27 4.24 -1.73 9.55
N GLU A 28 4.83 -2.80 10.08
CA GLU A 28 4.71 -3.08 11.51
C GLU A 28 5.35 -1.99 12.34
N LYS A 29 6.52 -1.50 11.91
CA LYS A 29 7.18 -0.42 12.62
C LYS A 29 6.39 0.88 12.52
N ALA A 30 5.78 1.13 11.35
CA ALA A 30 5.02 2.35 11.15
C ALA A 30 3.69 2.33 11.87
N ALA A 31 3.14 1.13 12.13
CA ALA A 31 1.87 1.04 12.85
C ALA A 31 2.01 1.40 14.32
N LYS A 32 3.21 1.28 14.88
CA LYS A 32 3.45 1.59 16.29
C LYS A 32 3.71 3.07 16.53
N GLU A 33 3.50 3.91 15.54
CA GLU A 33 3.74 5.35 15.64
C GLU A 33 2.40 6.07 15.66
N VAL A 34 2.24 6.97 16.63
CA VAL A 34 1.03 7.78 16.73
C VAL A 34 1.18 8.98 15.80
N LYS A 35 0.30 9.06 14.82
CA LYS A 35 0.39 10.11 13.82
C LYS A 35 -0.38 11.32 14.33
N LEU A 36 0.21 12.50 14.23
CA LEU A 36 -0.44 13.73 14.66
C LEU A 36 -0.36 14.76 13.55
N LEU A 37 -1.49 15.35 13.19
CA LEU A 37 -1.55 16.43 12.23
C LEU A 37 -1.55 17.75 12.98
N LEU A 38 -0.50 18.53 12.81
CA LEU A 38 -0.34 19.80 13.51
C LEU A 38 -0.82 20.93 12.61
N LEU A 39 -1.78 21.71 13.09
CA LEU A 39 -2.36 22.81 12.35
C LEU A 39 -2.30 24.08 13.19
N GLY A 40 -2.76 25.18 12.62
CA GLY A 40 -2.71 26.46 13.27
C GLY A 40 -2.53 27.56 12.24
N ALA A 41 -2.07 28.72 12.71
CA ALA A 41 -1.88 29.90 11.88
C ALA A 41 -0.41 30.26 11.71
N GLY A 42 0.51 29.35 12.03
CA GLY A 42 1.93 29.64 11.93
C GLY A 42 2.42 30.55 13.02
N GLU A 43 1.84 31.75 13.10
CA GLU A 43 2.09 32.66 14.20
C GLU A 43 1.29 32.33 15.45
N SER A 44 0.49 31.25 15.40
CA SER A 44 -0.33 30.83 16.53
C SER A 44 0.48 30.24 17.66
N GLY A 45 1.77 29.99 17.47
CA GLY A 45 2.58 29.35 18.48
C GLY A 45 2.84 27.88 18.25
N LYS A 46 2.51 27.34 17.09
CA LYS A 46 2.83 25.95 16.80
C LYS A 46 4.33 25.72 16.74
N ASN A 47 5.13 26.77 16.55
CA ASN A 47 6.58 26.61 16.56
C ASN A 47 7.09 26.30 17.97
N THR A 48 6.62 27.03 18.98
CA THR A 48 7.03 26.69 20.34
C THR A 48 6.40 25.39 20.80
N ILE A 49 5.23 25.02 20.24
CA ILE A 49 4.68 23.70 20.49
C ILE A 49 5.62 22.62 19.96
N VAL A 50 6.13 22.83 18.73
CA VAL A 50 7.10 21.89 18.16
C VAL A 50 8.35 21.82 19.02
N LYS A 51 8.84 22.97 19.47
CA LYS A 51 10.04 22.99 20.30
C LYS A 51 9.83 22.25 21.61
N GLN A 52 8.65 22.41 22.22
CA GLN A 52 8.34 21.67 23.43
C GLN A 52 8.23 20.17 23.15
N MET A 53 7.65 19.80 22.02
CA MET A 53 7.53 18.39 21.67
C MET A 53 8.89 17.75 21.48
N LYS A 54 9.82 18.47 20.87
CA LYS A 54 11.17 17.96 20.66
C LYS A 54 11.95 17.89 21.97
N THR A 182 11.57 23.28 2.65
CA THR A 182 10.16 23.55 2.84
C THR A 182 9.32 22.30 2.60
N GLY A 183 8.02 22.50 2.39
CA GLY A 183 7.10 21.39 2.20
C GLY A 183 6.24 21.18 3.41
N ILE A 184 6.34 20.02 4.04
CA ILE A 184 5.78 19.83 5.37
C ILE A 184 6.88 19.27 6.26
N VAL A 185 6.78 19.56 7.55
CA VAL A 185 7.79 19.20 8.53
C VAL A 185 7.25 18.07 9.38
N GLU A 186 8.04 17.02 9.54
CA GLU A 186 7.70 15.89 10.41
C GLU A 186 8.56 15.97 11.66
N THR A 187 7.90 16.13 12.80
CA THR A 187 8.58 16.15 14.09
C THR A 187 8.29 14.84 14.80
N HIS A 188 9.34 14.18 15.28
CA HIS A 188 9.23 12.87 15.91
C HIS A 188 9.67 12.99 17.35
N PHE A 189 8.89 12.41 18.26
CA PHE A 189 9.27 12.37 19.66
C PHE A 189 8.62 11.15 20.31
N THR A 190 9.20 10.72 21.42
CA THR A 190 8.70 9.61 22.20
C THR A 190 8.37 10.09 23.60
N PHE A 191 7.24 9.63 24.13
CA PHE A 191 6.84 10.00 25.48
C PHE A 191 6.12 8.82 26.11
N LYS A 192 6.64 8.34 27.24
CA LYS A 192 6.08 7.21 27.97
C LYS A 192 5.87 6.01 27.05
N ASP A 193 6.89 5.72 26.24
CA ASP A 193 6.95 4.58 25.32
C ASP A 193 6.00 4.69 24.15
N LEU A 194 5.35 5.83 23.95
CA LEU A 194 4.60 6.10 22.73
C LEU A 194 5.44 6.99 21.82
N TYR A 195 5.59 6.59 20.56
CA TYR A 195 6.37 7.34 19.60
C TYR A 195 5.42 8.11 18.70
N PHE A 196 5.59 9.42 18.65
CA PHE A 196 4.69 10.32 17.96
C PHE A 196 5.33 10.86 16.69
N LYS A 197 4.56 10.85 15.61
CA LYS A 197 4.94 11.50 14.35
C LYS A 197 3.97 12.66 14.15
N MET A 198 4.48 13.88 14.31
CA MET A 198 3.67 15.08 14.23
C MET A 198 4.01 15.82 12.94
N PHE A 199 3.03 15.99 12.07
CA PHE A 199 3.22 16.57 10.75
C PHE A 199 2.73 18.01 10.75
N ASP A 200 3.62 18.94 10.42
CA ASP A 200 3.30 20.35 10.34
C ASP A 200 3.07 20.71 8.87
N VAL A 201 1.87 21.18 8.57
CA VAL A 201 1.47 21.51 7.20
C VAL A 201 1.23 23.00 7.03
N GLY A 202 1.82 23.83 7.90
CA GLY A 202 1.62 25.27 7.80
C GLY A 202 2.31 25.88 6.59
N ALA A 203 3.42 25.29 6.16
CA ALA A 203 4.14 25.77 5.00
C ALA A 203 3.47 25.41 3.69
N GLN A 204 2.41 24.61 3.72
CA GLN A 204 1.62 24.28 2.54
C GLN A 204 0.59 25.38 2.34
N ARG A 205 0.99 26.41 1.60
CA ARG A 205 0.10 27.54 1.31
C ARG A 205 -0.86 27.26 0.16
N SER A 206 -0.98 26.01 -0.26
CA SER A 206 -1.85 25.61 -1.35
C SER A 206 -3.22 25.24 -0.81
N GLU A 207 -4.13 24.86 -1.71
CA GLU A 207 -5.52 24.64 -1.32
C GLU A 207 -5.62 23.30 -0.58
N ARG A 208 -6.20 23.33 0.62
CA ARG A 208 -6.08 22.22 1.54
C ARG A 208 -6.97 21.04 1.17
N LYS A 209 -8.07 21.27 0.46
CA LYS A 209 -8.94 20.17 0.05
C LYS A 209 -8.20 19.15 -0.82
N LYS A 210 -7.14 19.57 -1.50
CA LYS A 210 -6.41 18.69 -2.39
C LYS A 210 -5.41 17.79 -1.67
N TRP A 211 -5.09 18.05 -0.40
CA TRP A 211 -4.15 17.21 0.31
C TRP A 211 -4.52 16.91 1.75
N ILE A 212 -5.67 17.37 2.24
CA ILE A 212 -6.01 17.12 3.63
C ILE A 212 -6.39 15.65 3.85
N HIS A 213 -6.82 14.95 2.80
CA HIS A 213 -7.13 13.54 2.92
C HIS A 213 -5.89 12.67 3.15
N CYS A 214 -4.70 13.22 2.93
CA CYS A 214 -3.48 12.45 3.17
C CYS A 214 -3.34 12.08 4.64
N PHE A 215 -3.90 12.90 5.53
CA PHE A 215 -3.84 12.69 6.96
C PHE A 215 -5.15 12.14 7.51
N GLU A 216 -5.91 11.42 6.69
CA GLU A 216 -7.22 10.95 7.11
C GLU A 216 -7.12 9.99 8.27
N GLY A 217 -6.10 9.14 8.29
CA GLY A 217 -5.98 8.14 9.32
C GLY A 217 -5.15 8.59 10.51
N VAL A 218 -5.00 9.91 10.65
CA VAL A 218 -4.19 10.45 11.73
C VAL A 218 -4.87 10.15 13.07
N THR A 219 -4.05 9.93 14.10
CA THR A 219 -4.61 9.61 15.42
C THR A 219 -5.34 10.80 16.01
N ALA A 220 -4.73 11.98 15.93
CA ALA A 220 -5.33 13.20 16.46
C ALA A 220 -4.79 14.38 15.70
N ILE A 221 -5.50 15.49 15.80
CA ILE A 221 -5.08 16.78 15.24
C ILE A 221 -4.66 17.67 16.40
N ILE A 222 -3.47 18.23 16.31
CA ILE A 222 -3.00 19.22 17.26
C ILE A 222 -3.21 20.58 16.63
N PHE A 223 -4.21 21.32 17.10
CA PHE A 223 -4.53 22.63 16.58
C PHE A 223 -4.00 23.68 17.54
N CYS A 224 -3.14 24.56 17.04
CA CYS A 224 -2.53 25.61 17.85
C CYS A 224 -3.21 26.94 17.54
N VAL A 225 -3.68 27.62 18.58
CA VAL A 225 -4.30 28.93 18.47
C VAL A 225 -3.62 29.86 19.46
N ALA A 226 -3.15 31.00 18.97
CA ALA A 226 -2.59 32.01 19.87
C ALA A 226 -3.73 32.76 20.52
N LEU A 227 -3.79 32.74 21.86
CA LEU A 227 -4.81 33.49 22.56
C LEU A 227 -4.62 34.99 22.35
N SER A 228 -3.39 35.44 22.20
CA SER A 228 -3.11 36.85 21.96
C SER A 228 -3.27 37.17 20.48
N ASP A 229 -4.40 36.79 19.91
CA ASP A 229 -4.73 37.09 18.52
C ASP A 229 -6.14 37.60 18.36
N TYR A 230 -6.88 37.74 19.46
CA TYR A 230 -8.26 38.21 19.39
C TYR A 230 -8.35 39.65 18.91
N ASP A 231 -7.44 40.51 19.36
CA ASP A 231 -7.43 41.91 18.95
C ASP A 231 -6.56 42.18 17.74
N LEU A 232 -5.94 41.16 17.17
CA LEU A 232 -5.04 41.31 16.04
C LEU A 232 -5.77 41.05 14.73
N VAL A 233 -5.15 41.47 13.64
CA VAL A 233 -5.66 41.25 12.30
C VAL A 233 -4.55 40.67 11.44
N LEU A 234 -4.96 39.99 10.37
CA LEU A 234 -4.02 39.35 9.46
C LEU A 234 -3.24 40.39 8.66
N MET A 240 -8.96 40.61 8.17
CA MET A 240 -9.89 40.11 9.17
C MET A 240 -9.16 39.78 10.47
N ASN A 241 -9.93 39.49 11.51
CA ASN A 241 -9.36 39.14 12.80
C ASN A 241 -8.59 37.84 12.72
N ARG A 242 -7.42 37.80 13.37
CA ARG A 242 -6.63 36.58 13.38
C ARG A 242 -7.38 35.44 14.06
N MET A 243 -7.99 35.72 15.21
CA MET A 243 -8.72 34.68 15.92
C MET A 243 -9.99 34.27 15.18
N HIS A 244 -10.55 35.14 14.34
CA HIS A 244 -11.64 34.71 13.48
C HIS A 244 -11.14 33.78 12.38
N ALA A 245 -9.95 34.08 11.83
CA ALA A 245 -9.34 33.18 10.87
C ALA A 245 -9.01 31.84 11.52
N SER A 246 -8.47 31.87 12.73
CA SER A 246 -8.20 30.63 13.46
C SER A 246 -9.49 29.87 13.72
N MET A 247 -10.57 30.59 14.06
CA MET A 247 -11.85 29.95 14.32
C MET A 247 -12.40 29.27 13.07
N LYS A 248 -12.31 29.94 11.92
CA LYS A 248 -12.86 29.34 10.70
C LYS A 248 -12.00 28.18 10.22
N LEU A 249 -10.67 28.29 10.37
CA LEU A 249 -9.80 27.17 10.05
C LEU A 249 -10.10 25.99 10.95
N PHE A 250 -10.29 26.25 12.25
CA PHE A 250 -10.63 25.18 13.18
C PHE A 250 -11.96 24.56 12.83
N ASP A 251 -12.95 25.36 12.46
CA ASP A 251 -14.26 24.82 12.08
C ASP A 251 -14.13 23.92 10.87
N SER A 252 -13.41 24.38 9.84
CA SER A 252 -13.26 23.58 8.63
C SER A 252 -12.53 22.27 8.91
N ILE A 253 -11.45 22.33 9.70
CA ILE A 253 -10.69 21.13 10.00
C ILE A 253 -11.50 20.17 10.87
N CYS A 254 -12.15 20.71 11.91
CA CYS A 254 -12.90 19.87 12.84
C CYS A 254 -14.05 19.17 12.15
N ASN A 255 -14.78 19.89 11.30
CA ASN A 255 -15.93 19.32 10.61
C ASN A 255 -15.60 18.88 9.19
N ASN A 256 -14.31 18.71 8.90
CA ASN A 256 -13.87 18.14 7.64
C ASN A 256 -14.42 16.73 7.48
N LYS A 257 -14.78 16.39 6.23
CA LYS A 257 -15.34 15.07 5.95
C LYS A 257 -14.35 13.95 6.22
N TRP A 258 -13.05 14.25 6.26
CA TRP A 258 -12.02 13.24 6.48
C TRP A 258 -11.66 13.07 7.95
N PHE A 259 -12.18 13.91 8.83
CA PHE A 259 -11.83 13.91 10.24
C PHE A 259 -13.06 13.79 11.12
N THR A 260 -14.04 13.02 10.67
CA THR A 260 -15.30 12.93 11.41
C THR A 260 -15.11 12.25 12.76
N GLU A 261 -14.08 11.42 12.90
CA GLU A 261 -13.83 10.71 14.13
C GLU A 261 -12.47 11.04 14.75
N THR A 262 -11.72 11.96 14.16
CA THR A 262 -10.38 12.29 14.64
C THR A 262 -10.47 13.39 15.68
N SER A 263 -10.11 13.08 16.92
CA SER A 263 -10.15 14.07 17.98
C SER A 263 -9.08 15.13 17.78
N ILE A 264 -9.33 16.31 18.34
CA ILE A 264 -8.47 17.46 18.15
C ILE A 264 -7.90 17.87 19.50
N ILE A 265 -6.58 17.95 19.58
CA ILE A 265 -5.89 18.50 20.74
C ILE A 265 -5.70 19.99 20.49
N LEU A 266 -6.49 20.81 21.16
CA LEU A 266 -6.57 22.24 20.90
C LEU A 266 -5.63 22.96 21.84
N PHE A 267 -4.52 23.47 21.31
CA PHE A 267 -3.56 24.23 22.11
C PHE A 267 -3.87 25.72 21.99
N LEU A 268 -4.15 26.35 23.12
CA LEU A 268 -4.41 27.79 23.19
C LEU A 268 -3.14 28.45 23.70
N ASN A 269 -2.36 29.01 22.78
CA ASN A 269 -1.03 29.50 23.10
C ASN A 269 -1.05 30.97 23.51
N LYS A 270 0.09 31.44 24.01
CA LYS A 270 0.25 32.81 24.49
C LYS A 270 -0.75 33.15 25.59
N LYS A 271 -0.90 32.26 26.57
CA LYS A 271 -1.79 32.54 27.68
C LYS A 271 -1.27 33.68 28.55
N ASP A 272 0.05 33.82 28.68
CA ASP A 272 0.61 34.92 29.46
C ASP A 272 0.46 36.24 28.73
N LEU A 273 0.77 36.26 27.43
CA LEU A 273 0.52 37.45 26.64
C LEU A 273 -0.97 37.75 26.53
N PHE A 274 -1.80 36.70 26.55
CA PHE A 274 -3.24 36.92 26.62
C PHE A 274 -3.62 37.62 27.92
N GLU A 275 -2.96 37.25 29.03
CA GLU A 275 -3.18 37.98 30.28
C GLU A 275 -2.80 39.43 30.14
N GLU A 276 -1.58 39.68 29.64
CA GLU A 276 -1.07 41.04 29.54
C GLU A 276 -1.91 41.90 28.61
N LYS A 277 -2.57 41.30 27.62
CA LYS A 277 -3.39 42.07 26.71
C LYS A 277 -4.84 42.19 27.17
N ILE A 278 -5.38 41.16 27.83
CA ILE A 278 -6.72 41.24 28.37
C ILE A 278 -6.77 42.20 29.54
N LYS A 279 -5.63 42.46 30.19
CA LYS A 279 -5.61 43.49 31.22
C LYS A 279 -5.93 44.86 30.63
N ARG A 280 -5.43 45.15 29.43
CA ARG A 280 -5.67 46.43 28.76
C ARG A 280 -6.75 46.33 27.68
N SER A 281 -6.54 45.47 26.69
CA SER A 281 -7.45 45.39 25.55
C SER A 281 -8.59 44.42 25.86
N PRO A 282 -9.85 44.85 25.75
CA PRO A 282 -10.96 43.94 26.03
C PRO A 282 -11.12 42.88 24.94
N LEU A 283 -11.63 41.73 25.35
CA LEU A 283 -11.93 40.65 24.40
C LEU A 283 -13.11 40.96 23.51
N THR A 284 -13.90 41.98 23.83
CA THR A 284 -15.07 42.30 23.03
C THR A 284 -14.71 42.69 21.61
N ILE A 285 -13.44 43.02 21.37
CA ILE A 285 -12.99 43.34 20.01
C ILE A 285 -13.21 42.15 19.09
N CYS A 286 -12.74 40.97 19.50
CA CYS A 286 -12.94 39.77 18.70
C CYS A 286 -14.38 39.30 18.77
N TYR A 287 -14.96 39.26 19.97
CA TYR A 287 -16.32 38.77 20.17
C TYR A 287 -17.19 39.91 20.70
N PRO A 288 -17.91 40.61 19.83
CA PRO A 288 -18.77 41.71 20.32
C PRO A 288 -19.85 41.25 21.29
N GLU A 289 -20.34 40.03 21.14
CA GLU A 289 -21.39 39.50 22.00
C GLU A 289 -20.84 38.80 23.24
N TYR A 290 -19.61 39.11 23.63
CA TYR A 290 -18.99 38.41 24.76
C TYR A 290 -19.77 38.66 26.04
N THR A 291 -20.00 39.93 26.38
CA THR A 291 -20.72 40.34 27.59
C THR A 291 -20.19 39.59 28.82
N GLY A 292 -18.90 39.75 29.07
CA GLY A 292 -18.27 39.08 30.20
C GLY A 292 -17.13 39.90 30.76
N SER A 293 -16.57 39.39 31.85
CA SER A 293 -15.45 40.06 32.50
C SER A 293 -14.21 40.00 31.62
N ASN A 294 -13.45 41.09 31.62
CA ASN A 294 -12.17 41.13 30.90
C ASN A 294 -11.02 40.71 31.80
N THR A 295 -11.19 39.57 32.47
CA THR A 295 -10.14 38.92 33.23
C THR A 295 -9.66 37.71 32.46
N TYR A 296 -8.46 37.24 32.82
CA TYR A 296 -7.85 36.16 32.04
C TYR A 296 -8.71 34.89 32.09
N GLU A 297 -9.22 34.53 33.27
CA GLU A 297 -9.93 33.27 33.40
C GLU A 297 -11.21 33.26 32.58
N GLU A 298 -12.06 34.28 32.75
CA GLU A 298 -13.32 34.31 32.02
C GLU A 298 -13.09 34.44 30.52
N ALA A 299 -12.14 35.30 30.11
CA ALA A 299 -11.87 35.48 28.70
C ALA A 299 -11.33 34.22 28.04
N ALA A 300 -10.38 33.56 28.71
CA ALA A 300 -9.81 32.32 28.18
C ALA A 300 -10.87 31.22 28.11
N ALA A 301 -11.72 31.12 29.13
CA ALA A 301 -12.79 30.13 29.09
C ALA A 301 -13.77 30.43 27.96
N TYR A 302 -14.06 31.71 27.72
CA TYR A 302 -14.93 32.08 26.63
C TYR A 302 -14.33 31.70 25.29
N ILE A 303 -13.03 31.95 25.11
CA ILE A 303 -12.37 31.57 23.85
C ILE A 303 -12.40 30.07 23.66
N GLN A 304 -12.11 29.30 24.72
CA GLN A 304 -12.15 27.85 24.63
C GLN A 304 -13.54 27.36 24.24
N CYS A 305 -14.58 27.94 24.85
CA CYS A 305 -15.93 27.54 24.50
C CYS A 305 -16.28 27.93 23.07
N GLN A 306 -15.81 29.10 22.62
CA GLN A 306 -16.07 29.53 21.26
C GLN A 306 -15.44 28.57 20.25
N PHE A 307 -14.25 28.06 20.57
CA PHE A 307 -13.61 27.10 19.68
C PHE A 307 -14.28 25.73 19.76
N GLU A 308 -14.70 25.32 20.95
CA GLU A 308 -15.29 24.00 21.12
C GLU A 308 -16.72 23.91 20.62
N ASP A 309 -17.43 25.04 20.48
CA ASP A 309 -18.75 24.99 19.87
C ASP A 309 -18.71 24.95 18.35
N LEU A 310 -17.56 25.25 17.74
CA LEU A 310 -17.38 24.97 16.32
C LEU A 310 -17.35 23.48 16.04
N ASN A 311 -17.20 22.65 17.07
CA ASN A 311 -17.21 21.20 16.95
C ASN A 311 -18.63 20.73 16.76
N ARG A 312 -19.05 20.60 15.51
CA ARG A 312 -20.20 19.77 15.22
C ARG A 312 -19.78 18.30 15.34
N ARG A 313 -20.73 17.40 15.13
CA ARG A 313 -20.55 15.96 15.36
C ARG A 313 -19.78 15.70 16.66
N LYS A 314 -20.36 16.18 17.77
CA LYS A 314 -19.70 16.06 19.10
C LYS A 314 -19.81 14.63 19.64
N ASP A 315 -20.54 13.75 18.96
CA ASP A 315 -20.59 12.38 19.43
C ASP A 315 -19.38 11.58 19.00
N THR A 316 -18.87 11.83 17.79
CA THR A 316 -17.81 11.01 17.21
C THR A 316 -16.40 11.49 17.56
N LYS A 317 -16.26 12.67 18.16
CA LYS A 317 -14.93 13.20 18.40
C LYS A 317 -14.96 14.14 19.61
N GLU A 318 -13.79 14.37 20.17
CA GLU A 318 -13.61 15.17 21.37
C GLU A 318 -12.53 16.21 21.12
N ILE A 319 -12.63 17.34 21.81
CA ILE A 319 -11.63 18.40 21.74
C ILE A 319 -10.92 18.46 23.08
N TYR A 320 -9.60 18.36 23.04
CA TYR A 320 -8.77 18.35 24.24
C TYR A 320 -8.06 19.71 24.30
N THR A 321 -8.71 20.67 24.94
CA THR A 321 -8.17 22.02 24.99
C THR A 321 -7.14 22.15 26.11
N HIS A 322 -6.03 22.79 25.79
CA HIS A 322 -4.96 23.02 26.75
C HIS A 322 -4.50 24.47 26.66
N PHE A 323 -4.26 25.07 27.81
CA PHE A 323 -3.77 26.45 27.89
C PHE A 323 -2.27 26.42 28.19
N THR A 324 -1.48 26.95 27.26
CA THR A 324 -0.04 27.05 27.39
C THR A 324 0.40 28.39 26.83
N CYS A 325 1.57 28.88 27.25
CA CYS A 325 2.12 30.09 26.65
C CYS A 325 3.44 29.85 25.95
N SER A 326 4.52 29.61 26.68
CA SER A 326 5.77 29.16 26.08
C SER A 326 6.60 28.30 27.00
N THR A 327 6.17 28.04 28.23
CA THR A 327 6.98 27.34 29.22
C THR A 327 6.13 26.39 30.04
N ASP A 328 5.04 25.87 29.46
CA ASP A 328 4.16 24.99 30.22
C ASP A 328 4.86 23.69 30.61
N THR A 329 5.72 23.18 29.73
CA THR A 329 6.52 21.96 29.88
C THR A 329 5.66 20.76 30.22
N LYS A 330 4.34 20.92 30.13
CA LYS A 330 3.39 19.83 30.26
C LYS A 330 2.59 19.62 28.98
N ASN A 331 3.00 20.23 27.88
CA ASN A 331 2.27 20.10 26.63
C ASN A 331 2.43 18.70 26.05
N VAL A 332 3.62 18.12 26.18
CA VAL A 332 3.83 16.76 25.71
C VAL A 332 3.04 15.78 26.57
N GLN A 333 2.99 16.04 27.87
CA GLN A 333 2.15 15.23 28.75
C GLN A 333 0.68 15.38 28.39
N PHE A 334 0.25 16.59 28.06
CA PHE A 334 -1.14 16.78 27.66
C PHE A 334 -1.45 16.02 26.37
N VAL A 335 -0.54 16.07 25.40
CA VAL A 335 -0.76 15.35 24.15
C VAL A 335 -0.76 13.86 24.38
N PHE A 336 0.12 13.37 25.25
CA PHE A 336 0.12 11.95 25.60
C PHE A 336 -1.19 11.55 26.25
N ASP A 337 -1.68 12.37 27.19
CA ASP A 337 -2.95 12.07 27.84
C ASP A 337 -4.09 12.05 26.85
N ALA A 338 -4.13 13.04 25.96
CA ALA A 338 -5.19 13.11 24.96
C ALA A 338 -5.13 11.94 23.99
N VAL A 339 -3.93 11.56 23.56
CA VAL A 339 -3.79 10.46 22.62
C VAL A 339 -4.12 9.12 23.27
N THR A 340 -3.66 8.91 24.50
CA THR A 340 -4.02 7.67 25.19
C THR A 340 -5.52 7.62 25.46
N ASP A 341 -6.13 8.76 25.76
CA ASP A 341 -7.58 8.82 25.91
C ASP A 341 -8.27 8.48 24.59
N VAL A 342 -7.76 9.01 23.47
CA VAL A 342 -8.34 8.72 22.17
C VAL A 342 -8.23 7.24 21.84
N ILE A 343 -7.06 6.65 22.11
CA ILE A 343 -6.85 5.23 21.84
C ILE A 343 -7.79 4.39 22.70
N ILE A 344 -7.87 4.71 23.99
CA ILE A 344 -8.72 3.94 24.90
C ILE A 344 -10.18 4.05 24.48
N LYS A 345 -10.64 5.24 24.11
CA LYS A 345 -12.02 5.40 23.72
C LYS A 345 -12.31 4.76 22.37
N ASN A 346 -11.33 4.74 21.46
CA ASN A 346 -11.49 4.00 20.22
C ASN A 346 -11.64 2.51 20.50
N ASN A 347 -10.82 1.99 21.42
CA ASN A 347 -10.91 0.59 21.79
C ASN A 347 -12.25 0.28 22.45
N LEU A 348 -12.75 1.19 23.29
CA LEU A 348 -14.08 1.03 23.88
C LEU A 348 -15.16 1.05 22.81
N LYS A 349 -15.03 1.95 21.83
CA LYS A 349 -16.00 2.03 20.75
C LYS A 349 -16.00 0.74 19.92
N GLU A 350 -14.83 0.13 19.76
CA GLU A 350 -14.76 -1.17 19.08
C GLU A 350 -15.58 -2.21 19.81
N CYS A 351 -15.51 -2.21 21.14
CA CYS A 351 -16.19 -3.20 21.97
C CYS A 351 -17.63 -2.81 22.30
N GLY A 352 -18.10 -1.68 21.79
CA GLY A 352 -19.44 -1.22 22.10
C GLY A 352 -19.59 -0.56 23.44
N LEU A 353 -18.52 0.00 24.00
CA LEU A 353 -18.54 0.60 25.33
C LEU A 353 -18.31 2.10 25.29
N TYR A 354 -18.55 2.73 24.14
CA TYR A 354 -18.39 4.18 24.01
C TYR A 354 -19.07 4.65 22.73
N SER B 20 -7.59 55.14 -12.70
CA SER B 20 -8.24 53.84 -12.65
C SER B 20 -8.00 53.06 -13.94
N GLU B 21 -6.73 52.88 -14.31
CA GLU B 21 -6.39 52.12 -15.51
C GLU B 21 -6.66 50.64 -15.37
N LEU B 22 -6.92 50.15 -14.16
CA LEU B 22 -7.24 48.74 -13.98
C LEU B 22 -8.54 48.38 -14.68
N ASP B 23 -9.54 49.25 -14.62
CA ASP B 23 -10.82 48.98 -15.28
C ASP B 23 -10.64 48.86 -16.79
N GLN B 24 -9.86 49.77 -17.39
CA GLN B 24 -9.66 49.72 -18.84
C GLN B 24 -8.93 48.45 -19.26
N LEU B 25 -7.91 48.06 -18.51
CA LEU B 25 -7.23 46.80 -18.80
C LEU B 25 -8.16 45.60 -18.57
N ARG B 26 -8.96 45.65 -17.50
CA ARG B 26 -9.94 44.59 -17.28
C ARG B 26 -10.98 44.56 -18.38
N GLN B 27 -11.38 45.73 -18.88
CA GLN B 27 -12.32 45.76 -20.00
C GLN B 27 -11.70 45.13 -21.26
N GLU B 28 -10.41 45.41 -21.51
CA GLU B 28 -9.75 44.79 -22.66
C GLU B 28 -9.64 43.28 -22.48
N ALA B 29 -9.35 42.82 -21.27
CA ALA B 29 -9.28 41.38 -21.02
C ALA B 29 -10.63 40.72 -21.21
N GLU B 30 -11.70 41.37 -20.75
CA GLU B 30 -13.04 40.84 -20.96
C GLU B 30 -13.41 40.82 -22.44
N GLN B 31 -13.01 41.86 -23.19
CA GLN B 31 -13.25 41.87 -24.62
C GLN B 31 -12.49 40.74 -25.32
N LEU B 32 -11.25 40.49 -24.90
CA LEU B 32 -10.48 39.41 -25.48
C LEU B 32 -11.09 38.04 -25.15
N LYS B 33 -11.60 37.89 -23.93
CA LYS B 33 -12.30 36.66 -23.58
C LYS B 33 -13.54 36.46 -24.44
N ASN B 34 -14.28 37.55 -24.68
CA ASN B 34 -15.45 37.46 -25.57
C ASN B 34 -15.02 37.09 -26.99
N GLN B 35 -13.92 37.66 -27.46
CA GLN B 35 -13.42 37.33 -28.79
C GLN B 35 -13.04 35.86 -28.90
N ILE B 36 -12.37 35.33 -27.87
CA ILE B 36 -12.01 33.91 -27.88
C ILE B 36 -13.25 33.04 -27.83
N ARG B 37 -14.25 33.43 -27.02
CA ARG B 37 -15.49 32.67 -26.98
C ARG B 37 -16.18 32.66 -28.33
N ASP B 38 -16.22 33.82 -29.01
CA ASP B 38 -16.84 33.88 -30.33
C ASP B 38 -16.06 33.06 -31.34
N ALA B 39 -14.72 33.07 -31.27
CA ALA B 39 -13.91 32.27 -32.17
C ALA B 39 -14.18 30.79 -31.97
N ARG B 40 -14.30 30.37 -30.71
CA ARG B 40 -14.62 28.97 -30.43
C ARG B 40 -16.02 28.62 -30.94
N LYS B 41 -16.99 29.50 -30.73
CA LYS B 41 -18.36 29.22 -31.15
C LYS B 41 -18.50 29.18 -32.66
N ALA B 42 -17.72 29.99 -33.38
CA ALA B 42 -17.79 29.98 -34.84
C ALA B 42 -17.34 28.64 -35.39
N CYS B 43 -16.31 28.04 -34.81
CA CYS B 43 -15.83 26.74 -35.23
C CYS B 43 -16.72 25.60 -34.75
N ALA B 44 -17.69 25.88 -33.87
CA ALA B 44 -18.57 24.84 -33.32
C ALA B 44 -19.72 24.55 -34.29
N ASP B 45 -19.35 24.11 -35.49
CA ASP B 45 -20.36 23.82 -36.52
C ASP B 45 -21.09 22.51 -36.25
N ALA B 46 -20.41 21.53 -35.64
CA ALA B 46 -21.04 20.23 -35.38
C ALA B 46 -20.30 19.56 -34.24
N THR B 47 -21.01 19.28 -33.15
CA THR B 47 -20.43 18.58 -32.02
C THR B 47 -19.87 17.22 -32.45
N LEU B 48 -18.97 16.67 -31.64
CA LEU B 48 -18.37 15.39 -31.97
C LEU B 48 -19.40 14.26 -31.92
N SER B 49 -20.48 14.44 -31.15
CA SER B 49 -21.53 13.42 -31.09
C SER B 49 -22.26 13.30 -32.42
N GLN B 50 -22.53 14.42 -33.08
CA GLN B 50 -23.23 14.39 -34.36
C GLN B 50 -22.44 13.62 -35.40
N ILE B 51 -21.12 13.84 -35.44
CA ILE B 51 -20.29 13.18 -36.44
C ILE B 51 -20.18 11.69 -36.17
N THR B 52 -20.12 11.31 -34.89
CA THR B 52 -19.91 9.92 -34.51
C THR B 52 -21.21 9.21 -34.12
N ASN B 53 -22.33 9.60 -34.73
CA ASN B 53 -23.54 8.79 -34.59
C ASN B 53 -23.49 7.55 -35.47
N ASN B 54 -22.90 7.67 -36.66
CA ASN B 54 -22.86 6.57 -37.61
C ASN B 54 -21.78 5.55 -37.30
N ILE B 55 -20.82 5.87 -36.44
CA ILE B 55 -19.78 4.91 -36.10
C ILE B 55 -20.37 3.82 -35.21
N ASP B 56 -19.90 2.60 -35.39
CA ASP B 56 -20.42 1.46 -34.64
C ASP B 56 -20.03 1.58 -33.17
N PRO B 57 -20.99 1.59 -32.25
CA PRO B 57 -20.67 1.70 -30.82
C PRO B 57 -20.21 0.36 -30.25
N VAL B 58 -19.01 0.35 -29.68
CA VAL B 58 -18.54 -0.84 -28.98
C VAL B 58 -19.39 -0.99 -27.72
N GLY B 59 -20.26 -2.01 -27.71
CA GLY B 59 -21.32 -2.09 -26.72
C GLY B 59 -20.87 -2.13 -25.28
N ARG B 60 -20.24 -3.22 -24.88
CA ARG B 60 -19.94 -3.46 -23.47
C ARG B 60 -18.65 -4.27 -23.40
N ILE B 61 -17.53 -3.59 -23.19
CA ILE B 61 -16.27 -4.29 -23.00
C ILE B 61 -16.23 -4.85 -21.58
N GLN B 62 -15.75 -6.08 -21.44
CA GLN B 62 -15.69 -6.75 -20.15
C GLN B 62 -14.23 -6.98 -19.81
N MET B 63 -13.61 -5.97 -19.22
CA MET B 63 -12.25 -6.09 -18.71
C MET B 63 -12.27 -6.76 -17.35
N ARG B 64 -11.36 -7.70 -17.15
CA ARG B 64 -11.31 -8.48 -15.93
C ARG B 64 -9.94 -8.33 -15.29
N THR B 65 -9.92 -8.30 -13.96
CA THR B 65 -8.67 -8.14 -13.23
C THR B 65 -7.75 -9.32 -13.47
N ARG B 66 -6.61 -9.07 -14.12
CA ARG B 66 -5.64 -10.12 -14.38
C ARG B 66 -4.65 -10.28 -13.23
N ARG B 67 -4.14 -9.16 -12.71
CA ARG B 67 -3.23 -9.18 -11.59
C ARG B 67 -3.74 -8.25 -10.51
N THR B 68 -3.40 -8.59 -9.27
CA THR B 68 -3.59 -7.69 -8.14
C THR B 68 -2.22 -7.49 -7.49
N LEU B 69 -1.73 -6.26 -7.53
CA LEU B 69 -0.42 -5.94 -6.99
C LEU B 69 -0.60 -5.53 -5.53
N ARG B 70 -0.16 -6.40 -4.63
CA ARG B 70 -0.30 -6.21 -3.20
C ARG B 70 1.07 -6.05 -2.57
N GLY B 71 1.14 -5.21 -1.53
CA GLY B 71 2.40 -4.92 -0.88
C GLY B 71 2.48 -3.50 -0.38
N HIS B 72 1.65 -2.62 -0.94
CA HIS B 72 1.50 -1.28 -0.40
C HIS B 72 0.64 -1.34 0.86
N LEU B 73 1.03 -0.59 1.88
CA LEU B 73 0.38 -0.65 3.18
C LEU B 73 -0.39 0.60 3.52
N ALA B 74 -0.50 1.55 2.59
CA ALA B 74 -1.29 2.75 2.78
C ALA B 74 -2.01 3.04 1.47
N LYS B 75 -2.60 4.24 1.37
CA LYS B 75 -3.30 4.61 0.15
C LYS B 75 -2.30 4.81 -0.97
N ILE B 76 -2.57 4.20 -2.12
CA ILE B 76 -1.76 4.42 -3.32
C ILE B 76 -2.25 5.69 -3.98
N TYR B 77 -1.35 6.64 -4.18
CA TYR B 77 -1.74 7.92 -4.74
C TYR B 77 -1.40 8.07 -6.21
N ALA B 78 -0.37 7.39 -6.69
CA ALA B 78 0.00 7.49 -8.09
C ALA B 78 0.61 6.19 -8.57
N MET B 79 0.42 5.91 -9.86
CA MET B 79 1.17 4.88 -10.55
C MET B 79 1.56 5.43 -11.92
N HIS B 80 2.63 4.86 -12.48
CA HIS B 80 3.00 5.14 -13.84
C HIS B 80 3.56 3.88 -14.48
N TRP B 81 3.15 3.62 -15.71
CA TRP B 81 3.64 2.46 -16.44
C TRP B 81 5.01 2.73 -17.03
N GLY B 82 5.79 1.66 -17.16
CA GLY B 82 6.97 1.70 -17.98
C GLY B 82 6.64 1.65 -19.45
N THR B 83 7.55 2.19 -20.26
CA THR B 83 7.37 2.15 -21.71
C THR B 83 7.44 0.73 -22.25
N ASP B 84 8.00 -0.20 -21.48
CA ASP B 84 8.01 -1.60 -21.85
C ASP B 84 6.69 -2.30 -21.58
N SER B 85 5.73 -1.59 -20.96
CA SER B 85 4.37 -2.07 -20.73
C SER B 85 4.34 -3.26 -19.78
N ARG B 86 5.40 -3.48 -19.06
CA ARG B 86 5.52 -4.57 -18.11
C ARG B 86 5.90 -4.10 -16.72
N LEU B 87 6.78 -3.11 -16.62
CA LEU B 87 7.15 -2.53 -15.34
C LEU B 87 6.29 -1.31 -15.06
N LEU B 88 5.84 -1.19 -13.83
CA LEU B 88 5.09 -0.03 -13.41
C LEU B 88 5.51 0.37 -12.01
N VAL B 89 5.68 1.67 -11.82
CA VAL B 89 5.99 2.22 -10.50
C VAL B 89 4.69 2.65 -9.86
N SER B 90 4.63 2.55 -8.53
CA SER B 90 3.46 3.00 -7.78
C SER B 90 3.95 3.75 -6.55
N ALA B 91 3.19 4.78 -6.18
CA ALA B 91 3.48 5.62 -5.03
C ALA B 91 2.39 5.45 -4.00
N SER B 92 2.78 5.14 -2.77
CA SER B 92 1.84 5.02 -1.68
C SER B 92 2.29 5.88 -0.51
N GLN B 93 1.32 6.28 0.32
CA GLN B 93 1.60 7.06 1.51
C GLN B 93 2.30 6.26 2.60
N ASP B 94 2.57 4.98 2.36
CA ASP B 94 3.40 4.20 3.27
C ASP B 94 4.88 4.51 3.11
N GLY B 95 5.22 5.55 2.34
CA GLY B 95 6.60 5.92 2.14
C GLY B 95 7.38 5.01 1.25
N LYS B 96 6.71 4.26 0.38
CA LYS B 96 7.36 3.31 -0.50
C LYS B 96 7.01 3.61 -1.95
N LEU B 97 8.03 3.57 -2.79
CA LEU B 97 7.89 3.63 -4.24
C LEU B 97 8.23 2.22 -4.73
N ILE B 98 7.21 1.46 -5.11
CA ILE B 98 7.38 0.07 -5.51
C ILE B 98 7.36 -0.01 -7.04
N ILE B 99 8.34 -0.71 -7.59
CA ILE B 99 8.35 -1.05 -9.01
C ILE B 99 7.91 -2.51 -9.13
N TRP B 100 6.88 -2.74 -9.93
CA TRP B 100 6.31 -4.06 -10.10
C TRP B 100 6.61 -4.59 -11.48
N ASP B 101 6.89 -5.88 -11.56
CA ASP B 101 6.77 -6.64 -12.79
C ASP B 101 5.30 -7.07 -12.88
N SER B 102 4.55 -6.44 -13.76
CA SER B 102 3.11 -6.70 -13.81
C SER B 102 2.79 -8.06 -14.40
N TYR B 103 3.68 -8.63 -15.21
CA TYR B 103 3.43 -9.96 -15.75
C TYR B 103 3.49 -11.02 -14.66
N THR B 104 4.55 -11.00 -13.85
CA THR B 104 4.77 -12.00 -12.82
C THR B 104 4.30 -11.57 -11.45
N THR B 105 3.78 -10.35 -11.31
CA THR B 105 3.34 -9.73 -10.06
C THR B 105 4.55 -9.41 -9.16
N ASN B 106 5.75 -9.80 -9.57
CA ASN B 106 6.93 -9.61 -8.74
C ASN B 106 7.21 -8.13 -8.50
N LYS B 107 7.71 -7.83 -7.30
CA LYS B 107 8.21 -6.50 -6.99
C LYS B 107 9.68 -6.44 -7.40
N VAL B 108 9.99 -5.51 -8.30
CA VAL B 108 11.36 -5.36 -8.76
C VAL B 108 12.16 -4.51 -7.78
N HIS B 109 11.59 -3.40 -7.33
CA HIS B 109 12.22 -2.52 -6.38
C HIS B 109 11.17 -2.00 -5.41
N ALA B 110 11.57 -1.83 -4.15
CA ALA B 110 10.78 -1.09 -3.17
C ALA B 110 11.67 0.05 -2.67
N ILE B 111 11.30 1.27 -3.03
CA ILE B 111 12.14 2.44 -2.78
C ILE B 111 11.59 3.16 -1.55
N PRO B 112 12.35 3.23 -0.45
CA PRO B 112 11.90 4.01 0.72
C PRO B 112 12.01 5.49 0.44
N LEU B 113 10.88 6.19 0.54
CA LEU B 113 10.84 7.61 0.27
C LEU B 113 11.20 8.40 1.53
N ARG B 114 12.01 9.45 1.33
CA ARG B 114 12.42 10.29 2.44
C ARG B 114 11.22 11.00 3.06
N SER B 115 10.31 11.46 2.22
CA SER B 115 9.01 11.97 2.66
C SER B 115 7.95 11.00 2.20
N SER B 116 7.14 10.50 3.13
CA SER B 116 6.11 9.53 2.81
C SER B 116 4.87 10.17 2.17
N TRP B 117 4.83 11.49 2.10
CA TRP B 117 3.66 12.20 1.61
C TRP B 117 3.71 12.40 0.10
N VAL B 118 3.95 11.30 -0.58
CA VAL B 118 4.04 11.28 -2.04
C VAL B 118 2.64 11.25 -2.62
N MET B 119 2.44 12.02 -3.68
CA MET B 119 1.17 11.96 -4.38
C MET B 119 1.34 11.91 -5.89
N THR B 120 2.57 11.81 -6.38
CA THR B 120 2.84 11.62 -7.80
C THR B 120 4.05 10.72 -7.95
N CYS B 121 4.05 9.95 -9.03
CA CYS B 121 5.22 9.17 -9.40
C CYS B 121 5.28 9.06 -10.91
N ALA B 122 6.48 9.24 -11.45
CA ALA B 122 6.74 9.11 -12.87
C ALA B 122 7.80 8.03 -13.08
N TYR B 123 7.76 7.40 -14.24
CA TYR B 123 8.75 6.40 -14.60
C TYR B 123 9.44 6.95 -15.84
N ALA B 124 10.76 6.94 -15.86
CA ALA B 124 11.47 7.49 -17.01
C ALA B 124 11.20 6.64 -18.25
N PRO B 125 11.04 7.26 -19.41
CA PRO B 125 10.82 6.48 -20.63
C PRO B 125 11.96 5.56 -20.97
N SER B 126 13.17 5.85 -20.51
CA SER B 126 14.28 4.92 -20.64
C SER B 126 14.20 3.79 -19.63
N GLY B 127 13.47 3.98 -18.54
CA GLY B 127 13.42 3.01 -17.47
C GLY B 127 14.55 3.12 -16.47
N ASN B 128 15.44 4.09 -16.64
CA ASN B 128 16.57 4.22 -15.74
C ASN B 128 16.23 5.01 -14.48
N TYR B 129 15.11 5.71 -14.47
CA TYR B 129 14.77 6.58 -13.35
C TYR B 129 13.28 6.49 -13.06
N VAL B 130 12.95 6.76 -11.80
CA VAL B 130 11.58 7.09 -11.41
C VAL B 130 11.63 8.42 -10.69
N ALA B 131 10.51 9.13 -10.72
CA ALA B 131 10.36 10.36 -9.97
C ALA B 131 9.18 10.20 -9.03
N CYS B 132 9.25 10.90 -7.90
CA CYS B 132 8.13 10.95 -6.98
C CYS B 132 8.14 12.30 -6.29
N GLY B 133 7.01 12.64 -5.69
CA GLY B 133 6.91 13.88 -4.96
C GLY B 133 5.53 14.03 -4.38
N GLY B 134 5.39 15.09 -3.59
CA GLY B 134 4.14 15.33 -2.91
C GLY B 134 4.23 16.51 -1.98
N LEU B 135 3.78 16.33 -0.73
CA LEU B 135 3.70 17.42 0.22
C LEU B 135 5.07 17.97 0.61
N ASP B 136 6.15 17.28 0.29
CA ASP B 136 7.49 17.78 0.58
C ASP B 136 7.94 18.86 -0.40
N ASN B 137 7.17 19.11 -1.46
CA ASN B 137 7.46 20.12 -2.48
C ASN B 137 8.73 19.80 -3.26
N ILE B 138 9.18 18.55 -3.20
CA ILE B 138 10.40 18.10 -3.87
C ILE B 138 10.01 17.05 -4.89
N CYS B 139 10.54 17.18 -6.10
CA CYS B 139 10.52 16.08 -7.06
C CYS B 139 11.84 15.33 -6.90
N SER B 140 11.76 14.12 -6.37
CA SER B 140 12.93 13.28 -6.14
C SER B 140 13.11 12.35 -7.31
N ILE B 141 14.32 12.33 -7.87
CA ILE B 141 14.67 11.45 -8.98
C ILE B 141 15.48 10.30 -8.42
N TYR B 142 15.08 9.08 -8.77
CA TYR B 142 15.70 7.88 -8.23
C TYR B 142 16.38 7.12 -9.36
N ASN B 143 17.66 6.83 -9.17
CA ASN B 143 18.42 6.07 -10.15
C ASN B 143 18.13 4.59 -9.95
N LEU B 144 17.38 4.00 -10.88
CA LEU B 144 17.02 2.59 -10.79
C LEU B 144 18.18 1.68 -11.13
N LYS B 145 19.12 2.16 -11.92
CA LYS B 145 20.16 1.32 -12.50
C LYS B 145 21.53 1.87 -12.08
N THR B 146 21.98 1.44 -10.92
CA THR B 146 23.26 1.84 -10.35
C THR B 146 24.23 0.67 -10.38
N ARG B 147 25.53 0.99 -10.33
CA ARG B 147 26.53 -0.06 -10.20
C ARG B 147 26.36 -0.82 -8.90
N GLU B 148 26.02 -0.12 -7.83
CA GLU B 148 25.52 -0.76 -6.62
C GLU B 148 24.12 -1.29 -6.87
N GLY B 149 23.71 -2.23 -6.04
CA GLY B 149 22.42 -2.83 -6.32
C GLY B 149 21.22 -2.09 -5.79
N ASN B 150 21.42 -0.91 -5.24
CA ASN B 150 20.34 -0.15 -4.61
C ASN B 150 19.84 0.94 -5.54
N VAL B 151 18.57 1.29 -5.36
CA VAL B 151 18.01 2.50 -5.94
C VAL B 151 18.30 3.64 -4.99
N ARG B 152 18.84 4.73 -5.51
CA ARG B 152 19.21 5.87 -4.68
C ARG B 152 18.69 7.16 -5.30
N VAL B 153 18.47 8.16 -4.45
CA VAL B 153 18.00 9.46 -4.91
C VAL B 153 19.12 10.08 -5.74
N SER B 154 18.92 10.15 -7.06
CA SER B 154 19.91 10.79 -7.90
C SER B 154 19.81 12.31 -7.84
N ARG B 155 18.62 12.84 -7.60
CA ARG B 155 18.40 14.27 -7.63
C ARG B 155 17.17 14.60 -6.81
N GLU B 156 17.21 15.75 -6.11
CA GLU B 156 16.06 16.28 -5.40
C GLU B 156 15.77 17.66 -5.96
N LEU B 157 14.67 17.78 -6.69
CA LEU B 157 14.35 19.00 -7.42
C LEU B 157 13.52 19.91 -6.51
N ALA B 158 14.19 20.81 -5.81
CA ALA B 158 13.55 21.81 -4.97
C ALA B 158 13.35 23.09 -5.77
N GLY B 159 12.32 23.84 -5.39
CA GLY B 159 11.99 25.07 -6.09
C GLY B 159 10.51 25.32 -6.18
N HIS B 160 9.70 24.27 -6.15
CA HIS B 160 8.27 24.43 -6.03
C HIS B 160 7.92 24.80 -4.59
N THR B 161 7.00 25.74 -4.43
CA THR B 161 6.58 26.19 -3.11
C THR B 161 5.29 25.55 -2.65
N GLY B 162 4.67 24.72 -3.49
CA GLY B 162 3.53 23.91 -3.11
C GLY B 162 3.84 22.45 -3.33
N TYR B 163 2.87 21.61 -2.98
CA TYR B 163 3.07 20.17 -3.10
C TYR B 163 3.25 19.78 -4.56
N LEU B 164 4.02 18.73 -4.78
CA LEU B 164 4.22 18.21 -6.13
C LEU B 164 3.02 17.33 -6.47
N SER B 165 2.20 17.76 -7.43
CA SER B 165 1.00 17.03 -7.78
C SER B 165 1.20 16.07 -8.94
N CYS B 166 2.06 16.42 -9.90
CA CYS B 166 2.36 15.51 -11.01
C CYS B 166 3.80 15.77 -11.45
N CYS B 167 4.40 14.73 -12.03
CA CYS B 167 5.70 14.85 -12.66
C CYS B 167 5.73 13.88 -13.83
N ARG B 168 6.37 14.30 -14.91
CA ARG B 168 6.52 13.46 -16.10
C ARG B 168 7.89 13.70 -16.70
N PHE B 169 8.62 12.63 -16.95
CA PHE B 169 9.92 12.74 -17.60
C PHE B 169 9.73 13.07 -19.08
N LEU B 170 10.45 14.08 -19.56
CA LEU B 170 10.64 14.21 -21.00
C LEU B 170 11.68 13.21 -21.49
N ASP B 171 12.83 13.20 -20.83
CA ASP B 171 13.89 12.23 -21.07
C ASP B 171 14.62 12.02 -19.75
N ASP B 172 15.81 11.44 -19.81
CA ASP B 172 16.57 11.17 -18.60
C ASP B 172 17.04 12.43 -17.89
N ASN B 173 17.00 13.59 -18.55
CA ASN B 173 17.48 14.83 -17.96
C ASN B 173 16.45 15.94 -17.88
N GLN B 174 15.35 15.84 -18.62
CA GLN B 174 14.28 16.81 -18.56
C GLN B 174 13.08 16.16 -17.88
N ILE B 175 12.50 16.87 -16.90
CA ILE B 175 11.27 16.44 -16.26
C ILE B 175 10.40 17.67 -16.04
N VAL B 176 9.10 17.51 -16.28
CA VAL B 176 8.13 18.58 -16.05
C VAL B 176 7.31 18.21 -14.84
N THR B 177 7.17 19.16 -13.92
CA THR B 177 6.46 18.94 -12.67
C THR B 177 5.39 20.00 -12.51
N SER B 178 4.22 19.58 -12.04
CA SER B 178 3.17 20.49 -11.65
C SER B 178 3.11 20.54 -10.12
N SER B 179 2.53 21.62 -9.60
CA SER B 179 2.57 21.83 -8.16
C SER B 179 1.34 22.56 -7.69
N GLY B 180 1.14 22.55 -6.38
CA GLY B 180 0.15 23.34 -5.70
C GLY B 180 0.49 24.80 -5.54
N ASP B 181 1.67 25.21 -6.01
CA ASP B 181 1.98 26.63 -6.08
C ASP B 181 1.45 27.28 -7.34
N THR B 182 0.51 26.62 -8.02
CA THR B 182 -0.18 27.07 -9.23
C THR B 182 0.73 27.12 -10.44
N THR B 183 1.94 26.57 -10.37
CA THR B 183 2.88 26.63 -11.47
C THR B 183 3.32 25.22 -11.86
N CYS B 184 3.76 25.10 -13.11
CA CYS B 184 4.47 23.93 -13.60
C CYS B 184 5.90 24.34 -13.89
N ALA B 185 6.81 23.38 -13.79
CA ALA B 185 8.22 23.69 -13.96
C ALA B 185 8.88 22.63 -14.84
N LEU B 186 9.80 23.08 -15.67
CA LEU B 186 10.66 22.19 -16.44
C LEU B 186 12.03 22.18 -15.77
N TRP B 187 12.53 20.98 -15.48
CA TRP B 187 13.74 20.83 -14.69
C TRP B 187 14.85 20.21 -15.51
N ASP B 188 16.06 20.74 -15.37
CA ASP B 188 17.27 20.09 -15.84
C ASP B 188 17.78 19.25 -14.69
N ILE B 189 17.59 17.93 -14.78
CA ILE B 189 17.85 17.06 -13.64
C ILE B 189 19.32 17.08 -13.27
N GLU B 190 20.22 17.14 -14.26
CA GLU B 190 21.65 17.14 -13.96
C GLU B 190 22.04 18.36 -13.14
N THR B 191 21.54 19.54 -13.52
CA THR B 191 21.79 20.73 -12.73
C THR B 191 20.82 20.87 -11.56
N GLY B 192 19.63 20.27 -11.66
CA GLY B 192 18.64 20.39 -10.61
C GLY B 192 17.86 21.68 -10.63
N GLN B 193 18.03 22.50 -11.65
CA GLN B 193 17.44 23.82 -11.70
C GLN B 193 16.22 23.84 -12.60
N GLN B 194 15.27 24.72 -12.27
CA GLN B 194 14.08 24.91 -13.09
C GLN B 194 14.49 25.56 -14.40
N THR B 195 14.55 24.77 -15.47
CA THR B 195 14.87 25.31 -16.78
C THR B 195 13.79 26.29 -17.23
N THR B 196 12.53 25.95 -16.99
CA THR B 196 11.40 26.80 -17.35
C THR B 196 10.34 26.68 -16.27
N THR B 197 9.67 27.79 -15.97
CA THR B 197 8.55 27.81 -15.06
C THR B 197 7.31 28.21 -15.85
N PHE B 198 6.24 27.44 -15.68
CA PHE B 198 5.02 27.61 -16.46
C PHE B 198 3.96 28.21 -15.55
N THR B 199 3.94 29.54 -15.48
CA THR B 199 2.98 30.26 -14.67
C THR B 199 1.76 30.66 -15.51
N GLY B 200 0.64 30.86 -14.84
CA GLY B 200 -0.58 31.26 -15.50
C GLY B 200 -1.81 30.63 -14.90
N HIS B 201 -1.67 29.46 -14.29
CA HIS B 201 -2.76 28.87 -13.53
C HIS B 201 -2.99 29.67 -12.26
N THR B 202 -4.25 29.89 -11.92
CA THR B 202 -4.59 30.61 -10.70
C THR B 202 -4.91 29.68 -9.53
N GLY B 203 -5.17 28.40 -9.80
CA GLY B 203 -5.38 27.42 -8.77
C GLY B 203 -4.28 26.36 -8.78
N ASP B 204 -4.40 25.43 -7.84
CA ASP B 204 -3.39 24.38 -7.70
C ASP B 204 -3.37 23.50 -8.94
N VAL B 205 -2.20 23.32 -9.52
CA VAL B 205 -2.10 22.49 -10.71
C VAL B 205 -2.01 21.04 -10.27
N MET B 206 -2.96 20.22 -10.70
CA MET B 206 -3.10 18.89 -10.16
C MET B 206 -2.56 17.79 -11.06
N SER B 207 -2.57 17.99 -12.37
CA SER B 207 -2.22 16.91 -13.28
C SER B 207 -1.42 17.46 -14.46
N LEU B 208 -0.63 16.58 -15.05
CA LEU B 208 0.15 16.85 -16.25
C LEU B 208 -0.07 15.74 -17.25
N SER B 209 0.09 16.07 -18.52
CA SER B 209 0.14 15.07 -19.57
C SER B 209 1.04 15.60 -20.67
N LEU B 210 2.09 14.86 -20.99
CA LEU B 210 2.96 15.22 -22.09
C LEU B 210 2.35 14.77 -23.42
N ALA B 211 2.48 15.61 -24.43
CA ALA B 211 2.10 15.20 -25.77
C ALA B 211 3.03 14.09 -26.24
N PRO B 212 2.58 13.24 -27.16
CA PRO B 212 3.44 12.16 -27.64
C PRO B 212 4.79 12.63 -28.14
N ASP B 213 4.86 13.78 -28.81
CA ASP B 213 6.14 14.33 -29.22
C ASP B 213 6.87 15.05 -28.11
N THR B 214 6.23 15.25 -26.96
CA THR B 214 6.81 15.88 -25.76
C THR B 214 7.30 17.30 -26.02
N ARG B 215 6.88 17.92 -27.11
CA ARG B 215 7.21 19.32 -27.36
C ARG B 215 6.26 20.26 -26.65
N LEU B 216 5.14 19.76 -26.14
CA LEU B 216 4.17 20.58 -25.45
C LEU B 216 3.33 19.68 -24.55
N PHE B 217 2.78 20.26 -23.49
CA PHE B 217 2.04 19.47 -22.51
C PHE B 217 0.83 20.25 -22.01
N VAL B 218 -0.14 19.51 -21.47
CA VAL B 218 -1.32 20.10 -20.88
C VAL B 218 -1.24 19.91 -19.37
N SER B 219 -1.82 20.87 -18.64
CA SER B 219 -1.91 20.79 -17.19
C SER B 219 -3.30 21.23 -16.78
N GLY B 220 -3.95 20.43 -15.94
CA GLY B 220 -5.21 20.80 -15.33
C GLY B 220 -4.97 21.29 -13.92
N ALA B 221 -5.74 22.28 -13.51
CA ALA B 221 -5.55 22.88 -12.20
C ALA B 221 -6.89 23.02 -11.49
N CYS B 222 -6.83 23.55 -10.27
CA CYS B 222 -8.01 23.73 -9.43
C CYS B 222 -8.84 24.95 -9.83
N ASP B 223 -8.34 25.79 -10.74
CA ASP B 223 -9.15 26.86 -11.30
C ASP B 223 -10.09 26.36 -12.37
N ALA B 224 -10.31 25.05 -12.45
CA ALA B 224 -11.24 24.43 -13.39
C ALA B 224 -10.85 24.71 -14.85
N SER B 225 -9.56 24.88 -15.10
CA SER B 225 -9.06 25.17 -16.42
C SER B 225 -7.86 24.30 -16.73
N ALA B 226 -7.75 23.92 -18.00
CA ALA B 226 -6.61 23.18 -18.51
C ALA B 226 -5.86 24.07 -19.49
N LYS B 227 -4.54 24.11 -19.36
CA LYS B 227 -3.71 25.00 -20.15
C LYS B 227 -2.73 24.19 -20.97
N LEU B 228 -2.45 24.65 -22.18
CA LEU B 228 -1.51 24.01 -23.08
C LEU B 228 -0.20 24.79 -23.05
N TRP B 229 0.88 24.12 -22.66
CA TRP B 229 2.17 24.75 -22.46
C TRP B 229 3.15 24.25 -23.49
N ASP B 230 3.82 25.17 -24.19
CA ASP B 230 4.96 24.82 -25.02
C ASP B 230 6.18 24.65 -24.13
N VAL B 231 6.80 23.46 -24.18
CA VAL B 231 7.93 23.18 -23.30
C VAL B 231 9.11 24.09 -23.63
N ARG B 232 9.40 24.26 -24.93
CA ARG B 232 10.56 25.06 -25.31
C ARG B 232 10.30 26.55 -25.10
N GLU B 233 9.12 27.03 -25.49
CA GLU B 233 8.82 28.45 -25.36
C GLU B 233 8.50 28.84 -23.92
N GLY B 234 7.96 27.93 -23.12
CA GLY B 234 7.56 28.26 -21.78
C GLY B 234 6.30 29.08 -21.68
N MET B 235 5.45 29.02 -22.69
CA MET B 235 4.26 29.85 -22.78
C MET B 235 3.01 28.98 -22.82
N CYS B 236 1.91 29.53 -22.33
CA CYS B 236 0.62 28.85 -22.34
C CYS B 236 -0.05 29.14 -23.69
N ARG B 237 0.06 28.19 -24.62
CA ARG B 237 -0.49 28.41 -25.95
C ARG B 237 -2.01 28.50 -25.92
N GLN B 238 -2.67 27.65 -25.12
CA GLN B 238 -4.13 27.65 -25.06
C GLN B 238 -4.57 27.40 -23.63
N THR B 239 -5.77 27.88 -23.32
CA THR B 239 -6.42 27.63 -22.04
C THR B 239 -7.81 27.07 -22.32
N PHE B 240 -8.16 25.98 -21.64
CA PHE B 240 -9.40 25.27 -21.88
C PHE B 240 -10.25 25.33 -20.61
N THR B 241 -11.42 25.96 -20.71
CA THR B 241 -12.28 26.22 -19.56
C THR B 241 -13.66 25.66 -19.84
N GLY B 242 -13.91 24.43 -19.41
CA GLY B 242 -15.24 23.86 -19.53
C GLY B 242 -15.71 23.16 -18.27
N HIS B 243 -14.79 22.94 -17.34
CA HIS B 243 -15.09 22.20 -16.12
C HIS B 243 -15.61 23.15 -15.05
N GLU B 244 -16.40 22.60 -14.13
CA GLU B 244 -17.00 23.39 -13.06
C GLU B 244 -16.24 23.31 -11.75
N SER B 245 -15.35 22.34 -11.57
CA SER B 245 -14.60 22.20 -10.34
C SER B 245 -13.16 21.85 -10.69
N ASP B 246 -12.39 21.51 -9.66
CA ASP B 246 -10.96 21.28 -9.79
C ASP B 246 -10.69 20.15 -10.77
N ILE B 247 -9.75 20.36 -11.69
CA ILE B 247 -9.35 19.32 -12.62
C ILE B 247 -8.26 18.49 -11.96
N ASN B 248 -8.57 17.24 -11.63
CA ASN B 248 -7.65 16.37 -10.94
C ASN B 248 -6.83 15.50 -11.88
N ALA B 249 -7.32 15.27 -13.10
CA ALA B 249 -6.68 14.38 -14.04
C ALA B 249 -6.69 14.99 -15.43
N ILE B 250 -5.62 14.74 -16.18
CA ILE B 250 -5.52 15.18 -17.57
C ILE B 250 -4.74 14.13 -18.34
N CYS B 251 -5.11 13.93 -19.60
CA CYS B 251 -4.47 12.92 -20.45
C CYS B 251 -4.63 13.34 -21.90
N PHE B 252 -3.53 13.33 -22.65
CA PHE B 252 -3.60 13.55 -24.09
C PHE B 252 -4.26 12.38 -24.81
N PHE B 253 -4.93 12.71 -25.91
CA PHE B 253 -5.31 11.73 -26.90
C PHE B 253 -4.04 11.15 -27.54
N PRO B 254 -4.10 9.90 -28.00
CA PRO B 254 -2.87 9.27 -28.53
C PRO B 254 -2.21 10.03 -29.68
N ASN B 255 -2.95 10.79 -30.48
CA ASN B 255 -2.34 11.54 -31.56
C ASN B 255 -1.80 12.90 -31.13
N GLY B 256 -2.11 13.33 -29.91
CA GLY B 256 -1.58 14.58 -29.40
C GLY B 256 -2.32 15.82 -29.83
N ASN B 257 -3.45 15.67 -30.52
CA ASN B 257 -4.26 16.81 -30.94
C ASN B 257 -5.45 17.05 -30.02
N ALA B 258 -5.59 16.25 -28.98
CA ALA B 258 -6.70 16.41 -28.05
C ALA B 258 -6.26 15.87 -26.69
N PHE B 259 -7.02 16.22 -25.66
CA PHE B 259 -6.73 15.71 -24.33
C PHE B 259 -8.04 15.60 -23.56
N ALA B 260 -8.03 14.74 -22.55
CA ALA B 260 -9.18 14.52 -21.68
C ALA B 260 -8.85 14.94 -20.26
N THR B 261 -9.82 15.53 -19.59
CA THR B 261 -9.65 16.03 -18.24
C THR B 261 -10.57 15.27 -17.29
N GLY B 262 -10.17 15.23 -16.03
CA GLY B 262 -11.01 14.65 -15.00
C GLY B 262 -11.13 15.60 -13.82
N SER B 263 -12.34 16.06 -13.55
CA SER B 263 -12.56 17.07 -12.52
C SER B 263 -13.42 16.50 -11.40
N ASP B 264 -13.70 17.36 -10.42
CA ASP B 264 -14.48 17.00 -9.25
C ASP B 264 -15.98 17.14 -9.47
N ASP B 265 -16.40 17.61 -10.64
CA ASP B 265 -17.82 17.72 -10.97
C ASP B 265 -18.37 16.46 -11.62
N ALA B 266 -17.72 15.31 -11.40
CA ALA B 266 -18.18 14.03 -11.92
C ALA B 266 -18.23 14.03 -13.44
N THR B 267 -17.37 14.82 -14.06
CA THR B 267 -17.36 14.99 -15.51
C THR B 267 -15.94 14.81 -16.04
N CYS B 268 -15.83 14.07 -17.14
CA CYS B 268 -14.64 14.06 -17.96
C CYS B 268 -14.95 14.81 -19.24
N ARG B 269 -13.99 15.58 -19.73
CA ARG B 269 -14.19 16.36 -20.93
C ARG B 269 -13.03 16.15 -21.89
N LEU B 270 -13.34 16.14 -23.18
CA LEU B 270 -12.34 16.05 -24.24
C LEU B 270 -12.23 17.40 -24.91
N PHE B 271 -11.02 17.97 -24.89
CA PHE B 271 -10.74 19.25 -25.51
C PHE B 271 -9.82 19.05 -26.70
N ASP B 272 -10.21 19.56 -27.86
CA ASP B 272 -9.34 19.51 -29.02
C ASP B 272 -8.36 20.67 -29.00
N LEU B 273 -7.10 20.38 -29.33
CA LEU B 273 -6.09 21.42 -29.37
C LEU B 273 -6.34 22.38 -30.53
N ARG B 274 -6.57 21.83 -31.72
CA ARG B 274 -6.71 22.67 -32.91
C ARG B 274 -8.03 23.43 -32.91
N ALA B 275 -9.13 22.75 -32.59
CA ALA B 275 -10.42 23.44 -32.50
C ALA B 275 -10.48 24.39 -31.32
N ASP B 276 -9.55 24.27 -30.37
CA ASP B 276 -9.47 25.17 -29.21
C ASP B 276 -10.77 25.17 -28.42
N GLN B 277 -11.38 23.99 -28.29
CA GLN B 277 -12.73 23.92 -27.74
C GLN B 277 -12.97 22.53 -27.19
N GLU B 278 -13.94 22.42 -26.29
CA GLU B 278 -14.35 21.13 -25.75
C GLU B 278 -15.25 20.41 -26.74
N LEU B 279 -15.04 19.10 -26.87
CA LEU B 279 -15.76 18.30 -27.83
C LEU B 279 -16.80 17.38 -27.21
N MET B 280 -16.50 16.72 -26.09
CA MET B 280 -17.51 16.01 -25.32
C MET B 280 -17.34 16.18 -23.82
N THR B 281 -18.44 15.90 -23.13
CA THR B 281 -18.51 15.73 -21.70
C THR B 281 -18.84 14.26 -21.42
N TYR B 282 -18.03 13.61 -20.59
CA TYR B 282 -18.23 12.21 -20.23
C TYR B 282 -18.76 12.17 -18.80
N SER B 283 -20.06 12.35 -18.66
CA SER B 283 -20.71 12.41 -17.36
C SER B 283 -22.00 11.62 -17.39
N HIS B 284 -22.25 10.88 -16.32
CA HIS B 284 -23.48 10.13 -16.12
C HIS B 284 -24.21 10.71 -14.92
N ASP B 285 -25.54 10.84 -15.04
CA ASP B 285 -26.34 11.40 -13.97
C ASP B 285 -26.25 10.57 -12.70
N ASN B 286 -25.85 9.30 -12.79
CA ASN B 286 -25.71 8.43 -11.64
C ASN B 286 -24.31 8.55 -11.03
N ILE B 287 -23.47 9.44 -11.57
CA ILE B 287 -22.13 9.67 -11.06
C ILE B 287 -22.07 11.10 -10.52
N ILE B 288 -21.66 11.23 -9.27
CA ILE B 288 -21.56 12.53 -8.61
C ILE B 288 -20.16 12.70 -8.03
N CYS B 289 -19.43 11.60 -7.94
CA CYS B 289 -18.08 11.62 -7.41
C CYS B 289 -17.11 12.22 -8.42
N GLY B 290 -16.03 12.79 -7.91
CA GLY B 290 -15.02 13.34 -8.77
C GLY B 290 -14.15 12.29 -9.42
N ILE B 291 -13.48 12.69 -10.49
CA ILE B 291 -12.54 11.83 -11.21
C ILE B 291 -11.14 12.05 -10.65
N THR B 292 -10.47 10.96 -10.33
CA THR B 292 -9.10 11.03 -9.83
C THR B 292 -8.07 10.85 -10.93
N SER B 293 -8.41 10.11 -11.97
CA SER B 293 -7.45 9.76 -13.01
C SER B 293 -8.20 9.48 -14.30
N VAL B 294 -7.65 9.94 -15.42
CA VAL B 294 -8.16 9.61 -16.74
C VAL B 294 -7.01 9.03 -17.56
N SER B 295 -7.36 8.18 -18.52
CA SER B 295 -6.36 7.67 -19.44
C SER B 295 -7.07 7.17 -20.69
N PHE B 296 -6.34 7.14 -21.79
CA PHE B 296 -6.85 6.71 -23.07
C PHE B 296 -6.27 5.35 -23.42
N SER B 297 -7.10 4.51 -24.05
CA SER B 297 -6.58 3.29 -24.63
C SER B 297 -5.66 3.63 -25.80
N LYS B 298 -4.98 2.61 -26.32
CA LYS B 298 -3.94 2.85 -27.33
C LYS B 298 -4.52 3.52 -28.57
N SER B 299 -5.69 3.06 -29.03
CA SER B 299 -6.32 3.70 -30.17
C SER B 299 -7.00 5.01 -29.81
N GLY B 300 -7.22 5.27 -28.54
CA GLY B 300 -7.89 6.48 -28.09
C GLY B 300 -9.39 6.41 -28.05
N ARG B 301 -9.99 5.31 -28.52
CA ARG B 301 -11.45 5.23 -28.52
C ARG B 301 -12.01 5.10 -27.11
N LEU B 302 -11.26 4.50 -26.19
CA LEU B 302 -11.70 4.34 -24.82
C LEU B 302 -11.05 5.39 -23.94
N LEU B 303 -11.87 6.05 -23.13
CA LEU B 303 -11.38 6.93 -22.07
C LEU B 303 -11.69 6.25 -20.75
N LEU B 304 -10.64 5.79 -20.07
CA LEU B 304 -10.79 5.11 -18.78
C LEU B 304 -10.55 6.13 -17.68
N ALA B 305 -11.55 6.32 -16.82
CA ALA B 305 -11.50 7.32 -15.77
C ALA B 305 -11.72 6.67 -14.41
N GLY B 306 -10.83 6.95 -13.47
CA GLY B 306 -11.01 6.51 -12.10
C GLY B 306 -11.80 7.53 -11.31
N TYR B 307 -12.64 7.04 -10.41
CA TYR B 307 -13.61 7.86 -9.71
C TYR B 307 -13.47 7.67 -8.21
N ASP B 308 -14.16 8.53 -7.45
CA ASP B 308 -14.27 8.39 -6.02
C ASP B 308 -15.31 7.35 -5.59
N ASP B 309 -16.19 6.93 -6.50
CA ASP B 309 -17.16 5.88 -6.20
C ASP B 309 -16.54 4.50 -6.24
N PHE B 310 -15.21 4.44 -6.15
CA PHE B 310 -14.36 3.29 -5.91
C PHE B 310 -14.05 2.51 -7.19
N ASN B 311 -14.60 2.89 -8.34
CA ASN B 311 -14.42 2.09 -9.55
C ASN B 311 -14.06 2.97 -10.73
N CYS B 312 -13.41 2.34 -11.72
CA CYS B 312 -13.06 2.98 -12.97
C CYS B 312 -14.17 2.79 -13.99
N ASN B 313 -14.59 3.88 -14.62
CA ASN B 313 -15.58 3.84 -15.70
C ASN B 313 -14.84 3.95 -17.02
N VAL B 314 -15.16 3.05 -17.95
CA VAL B 314 -14.60 3.08 -19.29
C VAL B 314 -15.61 3.75 -20.21
N TRP B 315 -15.16 4.78 -20.91
CA TRP B 315 -16.03 5.61 -21.73
C TRP B 315 -15.66 5.47 -23.20
N ASP B 316 -16.66 5.36 -24.05
CA ASP B 316 -16.46 5.51 -25.48
C ASP B 316 -16.09 6.95 -25.75
N ALA B 317 -14.80 7.22 -26.02
CA ALA B 317 -14.34 8.58 -26.18
C ALA B 317 -14.98 9.27 -27.39
N LEU B 318 -15.43 8.50 -28.37
CA LEU B 318 -16.03 9.07 -29.57
C LEU B 318 -17.54 9.23 -29.47
N LYS B 319 -18.18 8.58 -28.50
CA LYS B 319 -19.64 8.65 -28.40
C LYS B 319 -20.14 8.99 -27.00
N ALA B 320 -19.24 9.24 -26.05
CA ALA B 320 -19.62 9.58 -24.67
C ALA B 320 -20.50 8.51 -24.05
N ASP B 321 -20.24 7.25 -24.41
CA ASP B 321 -21.01 6.12 -23.93
C ASP B 321 -20.23 5.39 -22.86
N ARG B 322 -20.89 5.08 -21.75
CA ARG B 322 -20.27 4.33 -20.67
C ARG B 322 -20.12 2.87 -21.10
N ALA B 323 -19.01 2.54 -21.75
CA ALA B 323 -18.84 1.23 -22.35
C ALA B 323 -18.53 0.13 -21.33
N GLY B 324 -18.06 0.50 -20.14
CA GLY B 324 -17.72 -0.52 -19.16
C GLY B 324 -17.38 0.11 -17.84
N VAL B 325 -17.29 -0.74 -16.83
CA VAL B 325 -16.95 -0.34 -15.46
C VAL B 325 -15.91 -1.31 -14.93
N LEU B 326 -14.81 -0.76 -14.41
CA LEU B 326 -13.79 -1.58 -13.75
C LEU B 326 -13.98 -1.50 -12.23
N ALA B 327 -15.00 -2.20 -11.77
CA ALA B 327 -15.25 -2.31 -10.34
C ALA B 327 -14.38 -3.42 -9.77
N GLY B 328 -13.99 -3.26 -8.51
CA GLY B 328 -13.03 -4.16 -7.92
C GLY B 328 -12.08 -3.54 -6.92
N HIS B 329 -12.22 -2.24 -6.67
CA HIS B 329 -11.45 -1.57 -5.65
C HIS B 329 -12.35 -1.20 -4.48
N ASP B 330 -11.84 -1.39 -3.26
CA ASP B 330 -12.60 -1.15 -2.05
C ASP B 330 -12.49 0.29 -1.57
N ASN B 331 -11.67 1.11 -2.23
CA ASN B 331 -11.53 2.51 -1.88
C ASN B 331 -11.36 3.30 -3.17
N ARG B 332 -11.16 4.61 -3.01
CA ARG B 332 -11.07 5.52 -4.14
C ARG B 332 -9.97 5.10 -5.10
N VAL B 333 -10.33 4.99 -6.38
CA VAL B 333 -9.36 4.69 -7.43
C VAL B 333 -8.58 5.97 -7.68
N SER B 334 -7.37 6.06 -7.11
CA SER B 334 -6.63 7.31 -7.13
C SER B 334 -5.85 7.51 -8.41
N CYS B 335 -5.52 6.44 -9.12
CA CYS B 335 -4.65 6.51 -10.28
C CYS B 335 -4.96 5.36 -11.21
N LEU B 336 -4.59 5.54 -12.48
CA LEU B 336 -4.71 4.49 -13.47
C LEU B 336 -3.96 4.91 -14.72
N GLY B 337 -3.34 3.93 -15.37
CA GLY B 337 -2.66 4.19 -16.63
C GLY B 337 -2.79 2.99 -17.54
N VAL B 338 -2.84 3.26 -18.83
CA VAL B 338 -2.85 2.24 -19.88
C VAL B 338 -1.43 2.05 -20.36
N THR B 339 -1.06 0.80 -20.63
CA THR B 339 0.26 0.50 -21.14
C THR B 339 0.44 1.08 -22.54
N ASP B 340 1.70 1.29 -22.93
CA ASP B 340 1.98 1.84 -24.25
C ASP B 340 1.55 0.89 -25.36
N ASP B 341 1.73 -0.42 -25.15
CA ASP B 341 1.19 -1.36 -26.11
C ASP B 341 -0.32 -1.47 -26.03
N GLY B 342 -0.94 -0.87 -25.01
CA GLY B 342 -2.37 -0.89 -24.87
C GLY B 342 -2.96 -2.19 -24.38
N MET B 343 -2.11 -3.12 -23.94
CA MET B 343 -2.59 -4.44 -23.56
C MET B 343 -3.39 -4.40 -22.26
N ALA B 344 -3.01 -3.52 -21.34
CA ALA B 344 -3.57 -3.57 -20.00
C ALA B 344 -3.79 -2.17 -19.46
N VAL B 345 -4.68 -2.10 -18.47
CA VAL B 345 -4.88 -0.93 -17.64
C VAL B 345 -4.61 -1.34 -16.20
N ALA B 346 -3.74 -0.60 -15.52
CA ALA B 346 -3.53 -0.79 -14.10
C ALA B 346 -4.21 0.35 -13.37
N THR B 347 -5.08 0.00 -12.43
CA THR B 347 -5.74 0.98 -11.58
C THR B 347 -5.19 0.82 -10.16
N GLY B 348 -4.65 1.90 -9.62
CA GLY B 348 -4.31 1.97 -8.22
C GLY B 348 -5.42 2.64 -7.46
N SER B 349 -5.46 2.40 -6.15
CA SER B 349 -6.55 2.93 -5.36
C SER B 349 -6.09 3.16 -3.94
N TRP B 350 -6.96 3.83 -3.18
CA TRP B 350 -6.71 4.12 -1.78
C TRP B 350 -6.79 2.88 -0.90
N ASP B 351 -7.27 1.75 -1.42
CA ASP B 351 -7.30 0.51 -0.66
C ASP B 351 -5.98 -0.25 -0.72
N SER B 352 -4.90 0.40 -1.18
CA SER B 352 -3.54 -0.14 -1.20
C SER B 352 -3.34 -1.24 -2.22
N PHE B 353 -4.16 -1.30 -3.26
CA PHE B 353 -4.06 -2.37 -4.25
C PHE B 353 -4.01 -1.80 -5.65
N LEU B 354 -3.15 -2.38 -6.47
CA LEU B 354 -3.07 -2.11 -7.90
C LEU B 354 -3.64 -3.31 -8.65
N LYS B 355 -4.52 -3.04 -9.61
CA LYS B 355 -5.16 -4.09 -10.37
C LYS B 355 -4.91 -3.87 -11.85
N ILE B 356 -4.33 -4.86 -12.51
CA ILE B 356 -4.18 -4.86 -13.96
C ILE B 356 -5.42 -5.47 -14.57
N TRP B 357 -6.05 -4.74 -15.48
CA TRP B 357 -7.26 -5.16 -16.15
C TRP B 357 -6.97 -5.40 -17.62
N ASN B 358 -7.83 -6.19 -18.26
CA ASN B 358 -7.65 -6.52 -19.66
C ASN B 358 -8.91 -7.15 -20.23
N SER C 8 -2.93 44.23 -10.16
CA SER C 8 -2.24 45.49 -10.38
C SER C 8 -1.97 45.72 -11.86
N ILE C 9 -1.08 46.67 -12.15
CA ILE C 9 -0.73 46.97 -13.54
C ILE C 9 -0.07 45.76 -14.19
N ALA C 10 0.89 45.15 -13.50
CA ALA C 10 1.66 44.07 -14.08
C ALA C 10 0.79 42.83 -14.33
N GLN C 11 0.02 42.41 -13.33
CA GLN C 11 -0.80 41.21 -13.47
C GLN C 11 -1.86 41.39 -14.55
N ALA C 12 -2.54 42.54 -14.54
CA ALA C 12 -3.58 42.79 -15.55
C ALA C 12 -2.98 42.87 -16.94
N ARG C 13 -1.82 43.53 -17.09
CA ARG C 13 -1.19 43.63 -18.39
C ARG C 13 -0.75 42.26 -18.90
N LYS C 14 -0.19 41.44 -18.02
CA LYS C 14 0.22 40.09 -18.41
C LYS C 14 -0.98 39.24 -18.81
N LEU C 15 -2.08 39.34 -18.06
CA LEU C 15 -3.28 38.59 -18.41
C LEU C 15 -3.84 39.04 -19.76
N VAL C 16 -3.84 40.36 -20.00
CA VAL C 16 -4.32 40.86 -21.28
C VAL C 16 -3.44 40.37 -22.42
N GLU C 17 -2.12 40.39 -22.24
CA GLU C 17 -1.23 39.90 -23.28
C GLU C 17 -1.44 38.42 -23.55
N GLN C 18 -1.61 37.62 -22.48
CA GLN C 18 -1.85 36.20 -22.66
C GLN C 18 -3.16 35.93 -23.37
N LEU C 19 -4.22 36.66 -23.00
CA LEU C 19 -5.51 36.50 -23.67
C LEU C 19 -5.41 36.88 -25.14
N LYS C 20 -4.67 37.95 -25.45
CA LYS C 20 -4.48 38.34 -26.84
C LYS C 20 -3.72 37.28 -27.61
N MET C 21 -2.68 36.70 -27.01
CA MET C 21 -1.90 35.70 -27.72
C MET C 21 -2.69 34.41 -27.92
N GLU C 22 -3.56 34.06 -26.97
CA GLU C 22 -4.44 32.92 -27.15
C GLU C 22 -5.60 33.21 -28.11
N ALA C 23 -5.92 34.49 -28.33
CA ALA C 23 -6.96 34.84 -29.28
C ALA C 23 -6.48 34.70 -30.72
N ASN C 24 -5.21 34.99 -30.99
CA ASN C 24 -4.65 34.90 -32.33
C ASN C 24 -4.21 33.47 -32.61
N ILE C 25 -5.21 32.59 -32.69
CA ILE C 25 -4.99 31.17 -32.89
C ILE C 25 -5.89 30.71 -34.04
N ASP C 26 -5.30 29.99 -35.01
CA ASP C 26 -6.04 29.46 -36.14
C ASP C 26 -6.76 28.19 -35.71
N ARG C 27 -8.07 28.29 -35.54
CA ARG C 27 -8.88 27.18 -35.04
C ARG C 27 -9.56 26.47 -36.20
N ILE C 28 -9.29 25.17 -36.33
CA ILE C 28 -10.03 24.37 -37.28
C ILE C 28 -11.45 24.16 -36.78
N LYS C 29 -12.32 23.71 -37.68
CA LYS C 29 -13.69 23.45 -37.30
C LYS C 29 -13.76 22.23 -36.40
N VAL C 30 -14.68 22.24 -35.43
CA VAL C 30 -14.84 21.07 -34.58
C VAL C 30 -15.34 19.89 -35.40
N SER C 31 -15.94 20.15 -36.56
CA SER C 31 -16.24 19.07 -37.49
C SER C 31 -14.96 18.38 -37.96
N LYS C 32 -13.98 19.18 -38.39
CA LYS C 32 -12.70 18.61 -38.81
C LYS C 32 -11.97 17.95 -37.65
N ALA C 33 -12.02 18.55 -36.48
CA ALA C 33 -11.37 17.97 -35.30
C ALA C 33 -11.97 16.63 -34.93
N ALA C 34 -13.30 16.56 -34.90
CA ALA C 34 -13.98 15.32 -34.58
C ALA C 34 -13.74 14.26 -35.65
N ALA C 35 -13.72 14.67 -36.92
CA ALA C 35 -13.41 13.73 -37.99
C ALA C 35 -11.99 13.19 -37.86
N ASP C 36 -11.04 14.05 -37.49
CA ASP C 36 -9.66 13.61 -37.30
C ASP C 36 -9.55 12.61 -36.15
N LEU C 37 -10.23 12.89 -35.03
CA LEU C 37 -10.19 11.96 -33.91
C LEU C 37 -10.85 10.63 -34.27
N MET C 38 -11.99 10.69 -34.96
CA MET C 38 -12.64 9.46 -35.38
C MET C 38 -11.76 8.67 -36.33
N ALA C 39 -11.11 9.36 -37.29
CA ALA C 39 -10.23 8.69 -38.23
C ALA C 39 -9.05 8.05 -37.54
N TYR C 40 -8.48 8.73 -36.54
CA TYR C 40 -7.44 8.10 -35.73
C TYR C 40 -7.98 6.88 -35.00
N CYS C 41 -9.26 6.90 -34.64
CA CYS C 41 -9.84 5.77 -33.92
C CYS C 41 -10.02 4.55 -34.82
N GLU C 42 -10.55 4.72 -36.03
CA GLU C 42 -10.59 3.55 -36.92
C GLU C 42 -9.19 3.13 -37.35
N ALA C 43 -8.30 4.10 -37.60
CA ALA C 43 -6.98 3.78 -38.11
C ALA C 43 -6.14 2.99 -37.11
N HIS C 44 -6.56 2.92 -35.84
CA HIS C 44 -5.81 2.22 -34.81
C HIS C 44 -6.69 1.29 -34.00
N ALA C 45 -7.94 1.06 -34.41
CA ALA C 45 -8.83 0.20 -33.65
C ALA C 45 -8.32 -1.23 -33.60
N LYS C 46 -7.58 -1.66 -34.63
CA LYS C 46 -7.02 -3.01 -34.64
C LYS C 46 -5.77 -3.13 -33.77
N GLU C 47 -5.19 -2.01 -33.36
CA GLU C 47 -4.02 -2.01 -32.49
C GLU C 47 -4.38 -1.81 -31.02
N ASP C 48 -5.67 -1.79 -30.69
CA ASP C 48 -6.13 -1.52 -29.34
C ASP C 48 -6.55 -2.83 -28.68
N PRO C 49 -5.72 -3.45 -27.85
CA PRO C 49 -6.12 -4.70 -27.19
C PRO C 49 -7.32 -4.54 -26.26
N LEU C 50 -7.53 -3.36 -25.70
CA LEU C 50 -8.68 -3.16 -24.81
C LEU C 50 -9.98 -3.07 -25.60
N LEU C 51 -9.94 -2.40 -26.75
CA LEU C 51 -11.12 -2.29 -27.59
C LEU C 51 -11.49 -3.66 -28.17
N THR C 52 -10.51 -4.36 -28.71
CA THR C 52 -10.69 -5.72 -29.22
C THR C 52 -9.88 -6.67 -28.36
N PRO C 53 -10.50 -7.37 -27.41
CA PRO C 53 -9.74 -8.25 -26.50
C PRO C 53 -8.95 -9.30 -27.26
N VAL C 54 -7.64 -9.30 -27.01
CA VAL C 54 -6.73 -10.25 -27.64
C VAL C 54 -6.97 -11.64 -27.06
N PRO C 55 -6.69 -12.70 -27.79
CA PRO C 55 -6.85 -14.05 -27.24
C PRO C 55 -5.85 -14.32 -26.12
N ALA C 56 -6.18 -15.32 -25.31
CA ALA C 56 -5.35 -15.64 -24.15
C ALA C 56 -3.93 -16.04 -24.53
N SER C 57 -3.71 -16.43 -25.78
CA SER C 57 -2.35 -16.77 -26.22
C SER C 57 -1.51 -15.53 -26.40
N GLU C 58 -2.10 -14.46 -26.93
CA GLU C 58 -1.38 -13.21 -27.18
C GLU C 58 -1.49 -12.23 -26.03
N ASN C 59 -2.23 -12.57 -24.97
CA ASN C 59 -2.41 -11.69 -23.83
C ASN C 59 -1.40 -12.04 -22.75
N PRO C 60 -0.44 -11.17 -22.44
CA PRO C 60 0.58 -11.52 -21.45
C PRO C 60 0.08 -11.49 -20.02
N PHE C 61 -1.17 -11.11 -19.80
CA PHE C 61 -1.80 -11.10 -18.49
C PHE C 61 -2.86 -12.20 -18.49
N ARG C 62 -2.45 -13.41 -18.11
CA ARG C 62 -3.36 -14.54 -18.10
C ARG C 62 -2.86 -15.63 -17.15
N VAL D 2 32.66 -0.43 -6.88
CA VAL D 2 32.27 -1.82 -6.67
C VAL D 2 33.48 -2.73 -6.81
N GLN D 3 33.81 -3.45 -5.75
CA GLN D 3 34.89 -4.41 -5.81
C GLN D 3 34.57 -5.60 -4.93
N LEU D 4 34.97 -6.78 -5.37
CA LEU D 4 34.94 -8.00 -4.58
C LEU D 4 36.37 -8.50 -4.44
N VAL D 5 36.79 -8.73 -3.20
CA VAL D 5 38.15 -9.19 -2.93
C VAL D 5 38.05 -10.55 -2.25
N GLU D 6 38.65 -11.56 -2.86
CA GLU D 6 38.64 -12.91 -2.31
C GLU D 6 39.80 -13.10 -1.35
N SER D 7 39.56 -13.86 -0.29
CA SER D 7 40.57 -14.19 0.69
C SER D 7 40.54 -15.70 0.95
N GLY D 8 41.70 -16.25 1.28
CA GLY D 8 41.86 -17.67 1.42
C GLY D 8 42.75 -18.24 0.34
N GLY D 9 42.68 -19.55 0.19
CA GLY D 9 43.45 -20.23 -0.84
C GLY D 9 44.91 -20.39 -0.45
N GLY D 10 45.61 -21.15 -1.27
CA GLY D 10 46.99 -21.50 -1.03
C GLY D 10 47.21 -22.99 -1.12
N LEU D 11 48.44 -23.40 -0.79
CA LEU D 11 48.78 -24.81 -0.81
C LEU D 11 48.03 -25.56 0.29
N VAL D 12 47.31 -26.61 -0.10
CA VAL D 12 46.53 -27.42 0.82
C VAL D 12 46.85 -28.88 0.57
N GLN D 13 47.14 -29.62 1.63
CA GLN D 13 47.27 -31.06 1.51
C GLN D 13 45.90 -31.66 1.19
N PRO D 14 45.85 -32.66 0.30
CA PRO D 14 44.54 -33.25 -0.06
C PRO D 14 43.84 -33.80 1.17
N GLY D 15 42.52 -33.66 1.18
CA GLY D 15 41.72 -34.02 2.34
C GLY D 15 41.65 -32.96 3.41
N GLY D 16 42.28 -31.80 3.21
CA GLY D 16 42.24 -30.73 4.16
C GLY D 16 40.96 -29.91 4.07
N SER D 17 40.98 -28.76 4.73
CA SER D 17 39.83 -27.86 4.76
C SER D 17 40.30 -26.42 4.70
N ARG D 18 39.60 -25.62 3.91
CA ARG D 18 39.89 -24.19 3.77
C ARG D 18 38.58 -23.42 3.78
N LYS D 19 38.67 -22.15 4.17
CA LYS D 19 37.55 -21.22 4.05
C LYS D 19 37.96 -20.10 3.11
N LEU D 20 37.21 -19.93 2.03
CA LEU D 20 37.38 -18.80 1.13
C LEU D 20 36.50 -17.65 1.60
N SER D 21 37.06 -16.45 1.64
CA SER D 21 36.36 -15.27 2.10
C SER D 21 36.29 -14.25 0.98
N CYS D 22 35.16 -13.59 0.86
CA CYS D 22 34.93 -12.56 -0.15
C CYS D 22 34.60 -11.24 0.53
N SER D 23 35.57 -10.35 0.63
CA SER D 23 35.34 -9.02 1.18
C SER D 23 34.68 -8.17 0.11
N ALA D 24 33.35 -8.06 0.17
CA ALA D 24 32.60 -7.26 -0.78
C ALA D 24 32.49 -5.82 -0.29
N SER D 25 32.71 -4.87 -1.19
CA SER D 25 32.60 -3.47 -0.84
C SER D 25 32.16 -2.69 -2.07
N GLY D 26 31.59 -1.52 -1.83
CA GLY D 26 31.18 -0.64 -2.90
C GLY D 26 29.81 -0.92 -3.49
N PHE D 27 29.06 -1.85 -2.94
CA PHE D 27 27.73 -2.13 -3.46
C PHE D 27 26.89 -2.79 -2.38
N ALA D 28 25.58 -2.81 -2.61
CA ALA D 28 24.61 -3.37 -1.67
C ALA D 28 24.71 -4.89 -1.71
N PHE D 29 25.66 -5.43 -0.93
CA PHE D 29 26.00 -6.84 -1.01
C PHE D 29 24.82 -7.73 -0.67
N SER D 30 24.03 -7.35 0.34
CA SER D 30 22.93 -8.20 0.79
C SER D 30 21.90 -8.45 -0.29
N SER D 31 21.77 -7.54 -1.25
CA SER D 31 20.75 -7.65 -2.29
C SER D 31 21.20 -8.48 -3.49
N PHE D 32 22.48 -8.88 -3.53
CA PHE D 32 23.02 -9.66 -4.64
C PHE D 32 23.12 -11.12 -4.23
N GLY D 33 22.58 -12.01 -5.06
CA GLY D 33 22.91 -13.42 -4.94
C GLY D 33 24.35 -13.63 -5.37
N MET D 34 25.11 -14.33 -4.55
CA MET D 34 26.55 -14.46 -4.78
C MET D 34 26.87 -15.88 -5.24
N HIS D 35 27.85 -15.97 -6.14
CA HIS D 35 28.27 -17.23 -6.71
C HIS D 35 29.75 -17.46 -6.43
N TRP D 36 30.14 -18.72 -6.44
CA TRP D 36 31.54 -19.12 -6.55
C TRP D 36 31.71 -19.81 -7.90
N VAL D 37 32.61 -19.28 -8.71
CA VAL D 37 32.93 -19.85 -10.01
C VAL D 37 34.42 -20.09 -10.03
N ARG D 38 34.83 -21.36 -10.11
CA ARG D 38 36.23 -21.71 -10.09
C ARG D 38 36.74 -21.98 -11.50
N GLN D 39 38.05 -21.81 -11.67
CA GLN D 39 38.70 -22.04 -12.95
C GLN D 39 40.00 -22.78 -12.70
N ALA D 40 40.12 -23.98 -13.25
CA ALA D 40 41.34 -24.75 -13.10
C ALA D 40 42.51 -24.01 -13.75
N PRO D 41 43.74 -24.30 -13.32
CA PRO D 41 44.88 -23.49 -13.78
C PRO D 41 45.02 -23.39 -15.28
N GLU D 42 44.56 -24.37 -16.04
CA GLU D 42 44.65 -24.33 -17.49
C GLU D 42 43.35 -24.67 -18.20
N LYS D 43 42.25 -24.77 -17.47
CA LYS D 43 40.96 -25.12 -18.07
C LYS D 43 39.96 -23.98 -17.87
N GLY D 44 38.71 -24.24 -18.25
CA GLY D 44 37.70 -23.21 -18.29
C GLY D 44 36.98 -23.00 -16.98
N LEU D 45 36.05 -22.05 -16.99
CA LEU D 45 35.29 -21.70 -15.80
C LEU D 45 34.37 -22.84 -15.39
N GLU D 46 34.14 -22.96 -14.09
CA GLU D 46 33.24 -23.96 -13.54
C GLU D 46 32.53 -23.35 -12.34
N TRP D 47 31.21 -23.23 -12.44
CA TRP D 47 30.43 -22.67 -11.34
C TRP D 47 30.39 -23.66 -10.18
N VAL D 48 30.61 -23.16 -8.97
CA VAL D 48 30.76 -23.98 -7.78
C VAL D 48 29.51 -23.94 -6.91
N ALA D 49 29.16 -22.76 -6.40
CA ALA D 49 28.07 -22.66 -5.45
C ALA D 49 27.38 -21.31 -5.59
N TYR D 50 26.11 -21.29 -5.23
CA TYR D 50 25.28 -20.10 -5.27
C TYR D 50 24.58 -19.94 -3.93
N ILE D 51 24.65 -18.75 -3.36
CA ILE D 51 23.81 -18.38 -2.22
C ILE D 51 23.01 -17.16 -2.63
N SER D 52 21.69 -17.26 -2.52
CA SER D 52 20.84 -16.18 -2.97
C SER D 52 20.92 -15.01 -2.00
N SER D 53 20.31 -13.90 -2.41
CA SER D 53 20.09 -12.79 -1.48
C SER D 53 19.19 -13.26 -0.36
N GLY D 54 19.55 -12.94 0.87
CA GLY D 54 18.82 -13.41 2.02
C GLY D 54 19.09 -14.84 2.42
N SER D 55 20.02 -15.51 1.73
CA SER D 55 20.52 -16.84 2.06
C SER D 55 19.46 -17.92 1.96
N GLY D 56 18.27 -17.60 1.47
CA GLY D 56 17.19 -18.58 1.47
C GLY D 56 17.28 -19.65 0.41
N THR D 57 18.19 -19.50 -0.55
CA THR D 57 18.33 -20.45 -1.65
C THR D 57 19.81 -20.68 -1.89
N ILE D 58 20.23 -21.95 -1.87
CA ILE D 58 21.63 -22.30 -1.99
C ILE D 58 21.75 -23.50 -2.93
N TYR D 59 22.72 -23.44 -3.84
CA TYR D 59 23.01 -24.52 -4.75
C TYR D 59 24.51 -24.79 -4.77
N TYR D 60 24.86 -26.04 -5.08
CA TYR D 60 26.24 -26.44 -5.24
C TYR D 60 26.37 -27.24 -6.54
N ALA D 61 27.56 -27.22 -7.11
CA ALA D 61 27.85 -28.12 -8.20
C ALA D 61 27.83 -29.55 -7.68
N ASP D 62 27.41 -30.48 -8.54
CA ASP D 62 27.38 -31.88 -8.12
C ASP D 62 28.75 -32.39 -7.72
N THR D 63 29.81 -31.74 -8.19
CA THR D 63 31.17 -32.12 -7.83
C THR D 63 31.62 -31.55 -6.49
N VAL D 64 30.80 -30.71 -5.86
CA VAL D 64 31.13 -30.13 -4.55
C VAL D 64 29.99 -30.22 -3.56
N LYS D 65 28.82 -30.71 -3.96
CA LYS D 65 27.66 -30.74 -3.08
C LYS D 65 27.93 -31.64 -1.87
N GLY D 66 27.56 -31.13 -0.69
CA GLY D 66 27.87 -31.81 0.55
C GLY D 66 29.30 -31.56 0.99
N ARG D 67 30.21 -31.59 0.03
CA ARG D 67 31.62 -31.37 0.29
C ARG D 67 31.95 -29.90 0.54
N PHE D 68 31.18 -28.99 -0.05
CA PHE D 68 31.40 -27.56 0.08
C PHE D 68 30.22 -26.91 0.78
N THR D 69 30.49 -25.77 1.40
CA THR D 69 29.44 -24.97 2.03
C THR D 69 29.65 -23.51 1.70
N ILE D 70 28.61 -22.85 1.20
CA ILE D 70 28.64 -21.44 0.85
C ILE D 70 27.78 -20.69 1.85
N SER D 71 28.30 -19.55 2.34
CA SER D 71 27.57 -18.74 3.30
C SER D 71 27.99 -17.29 3.12
N ARG D 72 27.13 -16.38 3.56
CA ARG D 72 27.37 -14.96 3.45
C ARG D 72 27.20 -14.29 4.80
N ASP D 73 28.00 -13.26 5.04
CA ASP D 73 27.88 -12.42 6.22
C ASP D 73 27.40 -11.05 5.74
N ASP D 74 26.08 -10.89 5.64
CA ASP D 74 25.53 -9.64 5.13
C ASP D 74 25.93 -8.42 5.96
N PRO D 75 25.86 -8.45 7.30
CA PRO D 75 26.34 -7.29 8.06
C PRO D 75 27.80 -6.98 7.82
N LYS D 76 28.63 -7.99 7.61
CA LYS D 76 30.04 -7.80 7.31
C LYS D 76 30.33 -7.75 5.82
N ASN D 77 29.32 -7.87 4.98
CA ASN D 77 29.46 -7.81 3.52
C ASN D 77 30.50 -8.81 3.03
N THR D 78 30.41 -10.03 3.52
CA THR D 78 31.38 -11.06 3.22
C THR D 78 30.70 -12.33 2.76
N LEU D 79 31.27 -12.96 1.74
CA LEU D 79 30.82 -14.25 1.23
C LEU D 79 31.86 -15.31 1.58
N PHE D 80 31.37 -16.46 2.02
CA PHE D 80 32.23 -17.55 2.47
C PHE D 80 31.99 -18.80 1.65
N LEU D 81 33.06 -19.55 1.40
CA LEU D 81 32.99 -20.89 0.83
C LEU D 81 33.76 -21.81 1.76
N GLN D 82 33.06 -22.57 2.59
CA GLN D 82 33.69 -23.55 3.45
C GLN D 82 33.95 -24.81 2.63
N MET D 83 35.21 -25.24 2.58
CA MET D 83 35.61 -26.38 1.79
C MET D 83 36.19 -27.44 2.71
N THR D 84 35.69 -28.67 2.58
CA THR D 84 36.17 -29.79 3.38
C THR D 84 36.59 -30.93 2.47
N SER D 85 37.66 -31.62 2.84
CA SER D 85 38.18 -32.75 2.08
C SER D 85 38.50 -32.35 0.64
N LEU D 86 39.49 -31.46 0.52
CA LEU D 86 39.87 -30.89 -0.78
C LEU D 86 40.56 -31.96 -1.62
N ARG D 87 39.87 -32.41 -2.67
CA ARG D 87 40.51 -33.26 -3.67
C ARG D 87 41.44 -32.43 -4.54
N SER D 88 42.29 -33.12 -5.30
CA SER D 88 43.14 -32.44 -6.27
C SER D 88 42.31 -31.77 -7.36
N GLU D 89 41.08 -32.23 -7.57
CA GLU D 89 40.18 -31.62 -8.55
C GLU D 89 39.67 -30.25 -8.11
N ASP D 90 39.93 -29.86 -6.87
CA ASP D 90 39.57 -28.54 -6.37
C ASP D 90 40.68 -27.52 -6.58
N THR D 91 41.77 -27.90 -7.25
CA THR D 91 42.86 -26.98 -7.54
C THR D 91 42.38 -26.01 -8.62
N ALA D 92 41.97 -24.82 -8.20
CA ALA D 92 41.43 -23.84 -9.13
C ALA D 92 41.50 -22.46 -8.49
N MET D 93 41.43 -21.45 -9.34
CA MET D 93 41.22 -20.08 -8.87
C MET D 93 39.74 -19.86 -8.70
N TYR D 94 39.33 -19.51 -7.48
CA TYR D 94 37.92 -19.38 -7.14
C TYR D 94 37.51 -17.92 -7.26
N TYR D 95 36.51 -17.65 -8.08
CA TYR D 95 35.99 -16.32 -8.29
C TYR D 95 34.67 -16.17 -7.57
N CYS D 96 34.54 -15.10 -6.80
CA CYS D 96 33.24 -14.70 -6.28
C CYS D 96 32.57 -13.79 -7.28
N VAL D 97 31.32 -14.08 -7.59
CA VAL D 97 30.57 -13.36 -8.61
C VAL D 97 29.29 -12.84 -7.97
N ARG D 98 29.07 -11.54 -8.06
CA ARG D 98 27.81 -10.97 -7.65
C ARG D 98 26.80 -11.10 -8.78
N SER D 99 25.57 -11.44 -8.43
CA SER D 99 24.52 -11.57 -9.42
C SER D 99 23.19 -11.20 -8.77
N ILE D 100 22.45 -10.31 -9.41
CA ILE D 100 21.19 -9.82 -8.88
C ILE D 100 20.09 -10.21 -9.86
N TYR D 101 18.94 -10.61 -9.33
CA TYR D 101 17.87 -11.17 -10.14
C TYR D 101 16.57 -10.41 -9.88
N TYR D 102 16.23 -9.55 -10.82
CA TYR D 102 14.90 -8.98 -10.95
C TYR D 102 14.62 -8.88 -12.44
N TYR D 103 13.46 -8.35 -12.80
CA TYR D 103 13.17 -8.20 -14.22
C TYR D 103 14.16 -7.22 -14.85
N GLY D 104 14.86 -7.69 -15.88
CA GLY D 104 15.80 -6.85 -16.58
C GLY D 104 17.14 -6.68 -15.91
N SER D 105 17.39 -7.40 -14.83
CA SER D 105 18.67 -7.30 -14.14
C SER D 105 19.79 -7.85 -15.02
N SER D 106 21.01 -7.71 -14.53
CA SER D 106 22.21 -8.14 -15.24
C SER D 106 23.00 -9.05 -14.31
N PRO D 107 22.59 -10.33 -14.20
CA PRO D 107 23.31 -11.25 -13.32
C PRO D 107 24.74 -11.47 -13.81
N PHE D 108 25.59 -11.87 -12.86
CA PHE D 108 26.99 -12.18 -13.13
C PHE D 108 27.75 -10.97 -13.65
N ASP D 109 27.29 -9.77 -13.27
CA ASP D 109 27.85 -8.55 -13.84
C ASP D 109 29.24 -8.24 -13.31
N PHE D 110 29.50 -8.52 -12.04
CA PHE D 110 30.80 -8.24 -11.46
C PHE D 110 31.42 -9.49 -10.87
N TRP D 111 32.72 -9.64 -11.10
CA TRP D 111 33.49 -10.79 -10.66
C TRP D 111 34.65 -10.33 -9.79
N GLY D 112 34.93 -11.09 -8.73
CA GLY D 112 36.06 -10.79 -7.88
C GLY D 112 37.37 -11.10 -8.57
N GLN D 113 38.46 -10.66 -7.94
CA GLN D 113 39.78 -10.91 -8.50
C GLN D 113 40.15 -12.39 -8.44
N GLY D 114 39.72 -13.08 -7.41
CA GLY D 114 39.95 -14.51 -7.29
C GLY D 114 41.20 -14.84 -6.48
N THR D 115 41.14 -15.96 -5.76
CA THR D 115 42.29 -16.52 -5.08
C THR D 115 42.53 -17.93 -5.57
N THR D 116 43.77 -18.21 -5.96
CA THR D 116 44.13 -19.55 -6.37
C THR D 116 44.16 -20.48 -5.17
N LEU D 117 43.65 -21.70 -5.36
CA LEU D 117 43.69 -22.75 -4.35
C LEU D 117 44.45 -23.91 -4.96
N THR D 118 45.70 -24.10 -4.55
CA THR D 118 46.57 -25.12 -5.12
C THR D 118 46.56 -26.33 -4.17
N VAL D 119 45.58 -27.21 -4.35
CA VAL D 119 45.53 -28.44 -3.57
C VAL D 119 46.64 -29.36 -4.02
N SER D 120 47.41 -29.87 -3.06
CA SER D 120 48.56 -30.70 -3.38
C SER D 120 48.12 -32.04 -3.95
N SER D 121 49.04 -32.71 -4.63
CA SER D 121 48.78 -34.02 -5.22
C SER D 121 49.34 -35.13 -4.34
N SER D 136 22.39 -34.73 -16.88
CA SER D 136 21.24 -33.85 -17.03
C SER D 136 21.67 -32.40 -17.14
N ASP D 137 22.92 -32.12 -16.75
CA ASP D 137 23.45 -30.77 -16.87
C ASP D 137 23.49 -30.35 -18.33
N ILE D 138 23.04 -29.12 -18.61
CA ILE D 138 23.09 -28.61 -19.97
C ILE D 138 24.54 -28.39 -20.36
N VAL D 139 24.91 -28.75 -21.58
CA VAL D 139 26.30 -28.79 -22.01
C VAL D 139 26.51 -27.65 -23.00
N MET D 140 27.12 -26.56 -22.54
CA MET D 140 27.68 -25.57 -23.44
C MET D 140 28.91 -26.12 -24.14
N THR D 141 28.90 -26.03 -25.46
CA THR D 141 29.98 -26.55 -26.30
C THR D 141 30.54 -25.41 -27.13
N GLN D 142 31.83 -25.14 -26.94
CA GLN D 142 32.57 -24.22 -27.80
C GLN D 142 33.67 -25.05 -28.47
N ALA D 143 33.31 -25.72 -29.56
CA ALA D 143 34.28 -26.54 -30.27
C ALA D 143 35.40 -25.68 -30.83
N THR D 144 35.04 -24.53 -31.39
CA THR D 144 36.04 -23.58 -31.87
C THR D 144 36.77 -22.96 -30.69
N SER D 145 38.10 -22.87 -30.79
CA SER D 145 38.90 -22.26 -29.75
C SER D 145 40.19 -21.73 -30.36
N SER D 146 40.70 -20.65 -29.77
CA SER D 146 41.97 -20.03 -30.18
C SER D 146 41.90 -19.58 -31.65
N VAL D 147 40.94 -18.73 -31.94
CA VAL D 147 40.84 -18.18 -33.30
C VAL D 147 41.95 -17.15 -33.51
N PRO D 148 42.54 -17.07 -34.70
CA PRO D 148 43.45 -15.96 -34.99
C PRO D 148 42.70 -14.77 -35.56
N VAL D 149 42.88 -13.59 -34.97
CA VAL D 149 42.15 -12.40 -35.39
C VAL D 149 43.13 -11.24 -35.57
N THR D 150 42.69 -10.27 -36.36
CA THR D 150 43.44 -9.05 -36.63
C THR D 150 42.63 -7.86 -36.12
N PRO D 151 43.26 -6.90 -35.44
CA PRO D 151 42.51 -5.75 -34.91
C PRO D 151 41.78 -5.00 -36.01
N GLY D 152 40.58 -4.52 -35.68
CA GLY D 152 39.74 -3.83 -36.62
C GLY D 152 38.87 -4.71 -37.49
N GLU D 153 38.98 -6.03 -37.35
CA GLU D 153 38.23 -6.96 -38.18
C GLU D 153 37.23 -7.73 -37.34
N SER D 154 36.02 -7.89 -37.89
CA SER D 154 34.94 -8.54 -37.16
C SER D 154 35.22 -10.02 -36.94
N VAL D 155 34.66 -10.56 -35.86
CA VAL D 155 34.76 -11.99 -35.56
C VAL D 155 33.48 -12.42 -34.85
N SER D 156 33.07 -13.65 -35.11
CA SER D 156 31.91 -14.26 -34.46
C SER D 156 32.37 -15.48 -33.69
N ILE D 157 31.93 -15.59 -32.44
CA ILE D 157 32.23 -16.72 -31.58
C ILE D 157 30.96 -17.52 -31.41
N SER D 158 31.00 -18.80 -31.76
CA SER D 158 29.82 -19.65 -31.70
C SER D 158 29.63 -20.21 -30.30
N CYS D 159 28.41 -20.68 -30.04
CA CYS D 159 28.08 -21.34 -28.79
C CYS D 159 27.02 -22.38 -29.06
N ARG D 160 27.21 -23.58 -28.53
CA ARG D 160 26.26 -24.67 -28.69
C ARG D 160 25.71 -25.04 -27.32
N SER D 161 24.43 -25.39 -27.30
CA SER D 161 23.74 -25.80 -26.08
C SER D 161 23.14 -27.18 -26.27
N SER D 162 23.26 -28.03 -25.25
CA SER D 162 22.64 -29.34 -25.28
C SER D 162 21.13 -29.28 -25.07
N LYS D 163 20.61 -28.13 -24.66
CA LYS D 163 19.19 -27.95 -24.41
C LYS D 163 18.81 -26.54 -24.85
N SER D 164 17.54 -26.35 -25.20
CA SER D 164 17.08 -25.03 -25.58
C SER D 164 17.17 -24.08 -24.39
N LEU D 165 18.07 -23.10 -24.46
CA LEU D 165 18.18 -22.11 -23.40
C LEU D 165 17.04 -21.11 -23.40
N LEU D 166 16.22 -21.09 -24.44
CA LEU D 166 15.11 -20.16 -24.54
C LEU D 166 13.97 -20.67 -23.68
N HIS D 167 13.66 -19.96 -22.61
CA HIS D 167 12.59 -20.36 -21.70
C HIS D 167 11.23 -19.98 -22.27
N SER D 168 10.19 -20.61 -21.74
CA SER D 168 8.83 -20.32 -22.17
C SER D 168 8.39 -18.91 -21.80
N ASN D 169 9.13 -18.22 -20.93
CA ASN D 169 8.85 -16.82 -20.63
C ASN D 169 9.41 -15.86 -21.67
N GLY D 170 10.10 -16.38 -22.69
CA GLY D 170 10.66 -15.57 -23.75
C GLY D 170 12.14 -15.28 -23.61
N ASN D 171 12.74 -15.56 -22.46
CA ASN D 171 14.14 -15.25 -22.22
C ASN D 171 15.02 -16.41 -22.64
N THR D 172 16.15 -16.09 -23.25
CA THR D 172 17.21 -17.06 -23.50
C THR D 172 18.33 -16.78 -22.53
N TYR D 173 18.67 -17.77 -21.72
CA TYR D 173 19.59 -17.59 -20.61
C TYR D 173 21.01 -18.00 -21.00
N LEU D 174 21.55 -17.28 -21.97
CA LEU D 174 22.94 -17.44 -22.38
C LEU D 174 23.73 -16.21 -21.98
N TYR D 175 24.88 -16.42 -21.33
CA TYR D 175 25.75 -15.35 -20.90
C TYR D 175 27.09 -15.46 -21.60
N TRP D 176 27.71 -14.30 -21.85
CA TRP D 176 29.02 -14.23 -22.47
C TRP D 176 29.96 -13.51 -21.52
N PHE D 177 31.14 -14.08 -21.32
CA PHE D 177 32.15 -13.51 -20.44
C PHE D 177 33.48 -13.42 -21.19
N LEU D 178 34.29 -12.44 -20.80
CA LEU D 178 35.59 -12.23 -21.43
C LEU D 178 36.66 -12.35 -20.36
N GLN D 179 37.41 -13.46 -20.39
CA GLN D 179 38.56 -13.67 -19.52
C GLN D 179 39.78 -13.08 -20.22
N ARG D 180 40.02 -11.80 -19.99
CA ARG D 180 41.23 -11.18 -20.50
C ARG D 180 42.44 -11.72 -19.75
N PRO D 181 43.59 -11.83 -20.42
CA PRO D 181 44.75 -12.51 -19.80
C PRO D 181 45.18 -11.84 -18.50
N GLY D 182 45.17 -12.63 -17.43
CA GLY D 182 45.51 -12.16 -16.11
C GLY D 182 44.42 -11.41 -15.38
N GLN D 183 43.21 -11.35 -15.95
CA GLN D 183 42.10 -10.63 -15.36
C GLN D 183 40.92 -11.56 -15.17
N SER D 184 40.05 -11.18 -14.24
CA SER D 184 38.85 -11.96 -13.95
C SER D 184 37.88 -11.88 -15.13
N PRO D 185 36.95 -12.83 -15.22
CA PRO D 185 35.95 -12.76 -16.29
C PRO D 185 35.09 -11.52 -16.17
N GLN D 186 34.63 -11.03 -17.30
CA GLN D 186 33.89 -9.78 -17.39
C GLN D 186 32.65 -10.02 -18.24
N LEU D 187 31.48 -9.76 -17.67
CA LEU D 187 30.24 -10.02 -18.40
C LEU D 187 30.12 -9.07 -19.58
N LEU D 188 29.93 -9.63 -20.77
CA LEU D 188 29.66 -8.86 -21.97
C LEU D 188 28.18 -8.82 -22.30
N ILE D 189 27.54 -9.99 -22.37
CA ILE D 189 26.15 -10.12 -22.76
C ILE D 189 25.48 -11.04 -21.76
N TYR D 190 24.41 -10.56 -21.13
CA TYR D 190 23.85 -11.32 -20.01
C TYR D 190 22.71 -12.25 -20.42
N ARG D 191 21.60 -11.74 -20.94
CA ARG D 191 20.59 -12.63 -21.48
C ARG D 191 20.60 -12.45 -22.99
N MET D 192 20.93 -13.52 -23.71
CA MET D 192 21.49 -13.46 -25.06
C MET D 192 20.93 -12.29 -25.86
N SER D 193 21.82 -11.49 -26.45
CA SER D 193 21.48 -10.20 -27.07
C SER D 193 21.08 -9.17 -26.02
N ASN D 194 21.89 -9.05 -24.97
CA ASN D 194 21.70 -8.04 -23.93
C ASN D 194 23.09 -7.55 -23.51
N LEU D 195 23.51 -6.41 -24.04
CA LEU D 195 24.83 -5.90 -23.74
C LEU D 195 24.93 -5.44 -22.29
N ALA D 196 25.98 -5.88 -21.60
CA ALA D 196 26.18 -5.50 -20.22
C ALA D 196 26.68 -4.06 -20.13
N SER D 197 26.41 -3.44 -18.99
CA SER D 197 26.83 -2.05 -18.77
C SER D 197 28.35 -1.96 -18.78
N GLY D 198 28.86 -0.90 -19.41
CA GLY D 198 30.28 -0.71 -19.54
C GLY D 198 30.93 -1.46 -20.68
N VAL D 199 30.17 -2.22 -21.45
CA VAL D 199 30.68 -2.98 -22.59
C VAL D 199 30.42 -2.18 -23.85
N PRO D 200 31.42 -1.95 -24.70
CA PRO D 200 31.20 -1.15 -25.91
C PRO D 200 30.17 -1.80 -26.83
N ASP D 201 29.43 -0.94 -27.54
CA ASP D 201 28.34 -1.43 -28.38
C ASP D 201 28.88 -1.95 -29.71
N ARG D 202 29.90 -2.81 -29.64
CA ARG D 202 30.38 -3.58 -30.77
C ARG D 202 30.24 -5.08 -30.56
N PHE D 203 30.21 -5.54 -29.31
CA PHE D 203 29.78 -6.89 -29.01
C PHE D 203 28.27 -7.01 -29.20
N SER D 204 27.84 -8.06 -29.89
CA SER D 204 26.43 -8.32 -30.04
C SER D 204 26.17 -9.80 -29.79
N GLY D 205 24.98 -10.09 -29.27
CA GLY D 205 24.57 -11.44 -28.97
C GLY D 205 23.46 -11.86 -29.92
N SER D 206 23.53 -13.12 -30.36
CA SER D 206 22.56 -13.62 -31.30
C SER D 206 22.45 -15.13 -31.13
N GLY D 207 21.37 -15.68 -31.68
CA GLY D 207 21.15 -17.11 -31.59
C GLY D 207 19.69 -17.43 -31.36
N SER D 208 19.39 -18.71 -31.21
CA SER D 208 18.03 -19.14 -30.90
C SER D 208 18.04 -20.60 -30.47
N GLY D 209 17.41 -20.90 -29.33
CA GLY D 209 17.35 -22.27 -28.89
C GLY D 209 18.67 -22.77 -28.36
N THR D 210 19.36 -23.59 -29.15
CA THR D 210 20.59 -24.24 -28.72
C THR D 210 21.85 -23.65 -29.34
N ALA D 211 21.74 -22.81 -30.37
CA ALA D 211 22.89 -22.27 -31.06
C ALA D 211 22.95 -20.77 -30.86
N PHE D 212 24.13 -20.26 -30.52
CA PHE D 212 24.32 -18.83 -30.25
C PHE D 212 25.64 -18.37 -30.83
N THR D 213 25.70 -17.07 -31.14
CA THR D 213 26.91 -16.45 -31.63
C THR D 213 27.15 -15.14 -30.91
N LEU D 214 28.40 -14.85 -30.60
CA LEU D 214 28.82 -13.56 -30.06
C LEU D 214 29.70 -12.89 -31.10
N THR D 215 29.18 -11.85 -31.74
CA THR D 215 29.88 -11.17 -32.82
C THR D 215 30.52 -9.89 -32.30
N ILE D 216 31.77 -9.68 -32.65
CA ILE D 216 32.51 -8.47 -32.32
C ILE D 216 32.65 -7.66 -33.60
N SER D 217 32.08 -6.45 -33.58
CA SER D 217 31.99 -5.65 -34.81
C SER D 217 33.37 -5.27 -35.31
N ARG D 218 34.21 -4.66 -34.46
CA ARG D 218 35.55 -4.24 -34.84
C ARG D 218 36.43 -4.39 -33.61
N LEU D 219 37.13 -5.51 -33.50
CA LEU D 219 37.82 -5.83 -32.26
C LEU D 219 39.08 -4.99 -32.11
N GLU D 220 39.60 -4.97 -30.88
CA GLU D 220 40.85 -4.27 -30.57
C GLU D 220 41.82 -5.21 -29.86
N ALA D 221 42.92 -4.66 -29.36
CA ALA D 221 43.85 -5.47 -28.57
C ALA D 221 43.30 -5.74 -27.17
N GLU D 222 42.30 -4.98 -26.73
CA GLU D 222 41.64 -5.23 -25.45
C GLU D 222 40.62 -6.34 -25.53
N ASP D 223 40.27 -6.79 -26.73
CA ASP D 223 39.33 -7.89 -26.93
C ASP D 223 40.00 -9.25 -26.89
N VAL D 224 41.33 -9.29 -26.74
CA VAL D 224 42.04 -10.56 -26.70
C VAL D 224 41.78 -11.24 -25.37
N GLY D 225 41.38 -12.50 -25.43
CA GLY D 225 41.10 -13.25 -24.23
C GLY D 225 40.29 -14.49 -24.57
N VAL D 226 39.74 -15.10 -23.52
CA VAL D 226 38.93 -16.29 -23.63
C VAL D 226 37.47 -15.91 -23.40
N TYR D 227 36.60 -16.35 -24.29
CA TYR D 227 35.19 -15.98 -24.26
C TYR D 227 34.38 -17.21 -23.85
N TYR D 228 33.66 -17.12 -22.75
CA TYR D 228 32.95 -18.25 -22.17
C TYR D 228 31.44 -18.07 -22.32
N CYS D 229 30.77 -19.15 -22.69
CA CYS D 229 29.33 -19.24 -22.58
C CYS D 229 28.94 -19.52 -21.13
N MET D 230 27.65 -19.36 -20.85
CA MET D 230 27.08 -19.89 -19.63
C MET D 230 25.59 -20.01 -19.83
N GLN D 231 25.00 -21.10 -19.36
CA GLN D 231 23.56 -21.18 -19.25
C GLN D 231 23.14 -20.74 -17.86
N HIS D 232 22.02 -20.04 -17.79
CA HIS D 232 21.41 -19.68 -16.51
C HIS D 232 19.98 -20.17 -16.47
N LEU D 233 19.70 -21.28 -17.17
CA LEU D 233 18.34 -21.80 -17.28
C LEU D 233 17.97 -22.64 -16.06
N GLU D 234 18.85 -23.55 -15.67
CA GLU D 234 18.76 -24.27 -14.41
C GLU D 234 20.00 -23.96 -13.56
N TYR D 235 20.08 -24.61 -12.41
CA TYR D 235 21.17 -24.33 -11.48
C TYR D 235 22.09 -25.50 -11.17
N PRO D 236 22.45 -26.30 -12.16
CA PRO D 236 23.87 -26.49 -12.43
C PRO D 236 24.26 -25.45 -13.48
N LEU D 237 25.12 -24.49 -13.14
CA LEU D 237 25.51 -23.47 -14.10
C LEU D 237 26.74 -23.95 -14.85
N THR D 238 26.60 -24.16 -16.14
CA THR D 238 27.65 -24.76 -16.96
C THR D 238 28.19 -23.74 -17.94
N PHE D 239 29.51 -23.71 -18.07
CA PHE D 239 30.19 -22.83 -19.01
C PHE D 239 30.65 -23.63 -20.22
N GLY D 240 30.87 -22.93 -21.32
CA GLY D 240 31.57 -23.51 -22.43
C GLY D 240 33.06 -23.55 -22.19
N ALA D 241 33.73 -24.42 -22.92
CA ALA D 241 35.19 -24.44 -22.91
C ALA D 241 35.64 -23.26 -23.75
N GLY D 242 35.88 -22.14 -23.08
CA GLY D 242 36.03 -20.84 -23.71
C GLY D 242 36.84 -20.77 -24.99
N THR D 243 36.35 -19.98 -25.94
CA THR D 243 37.01 -19.80 -27.22
C THR D 243 38.01 -18.65 -27.10
N LYS D 244 39.30 -18.98 -27.07
CA LYS D 244 40.33 -17.98 -26.96
C LYS D 244 40.40 -17.12 -28.20
N LEU D 245 40.79 -15.86 -28.01
CA LEU D 245 41.11 -14.95 -29.10
C LEU D 245 42.57 -14.55 -28.99
N GLU D 246 43.26 -14.50 -30.13
CA GLU D 246 44.68 -14.19 -30.13
C GLU D 246 45.02 -13.48 -31.43
N LEU D 247 45.83 -12.43 -31.32
CA LEU D 247 46.26 -11.66 -32.48
C LEU D 247 47.12 -12.50 -33.42
N SER E 161 -44.60 -37.30 14.05
CA SER E 161 -44.45 -37.42 15.49
C SER E 161 -43.44 -36.41 16.02
N TYR E 162 -43.17 -36.47 17.32
CA TYR E 162 -42.21 -35.56 17.93
C TYR E 162 -40.79 -35.81 17.46
N GLN E 163 -40.51 -37.00 16.91
CA GLN E 163 -39.19 -37.27 16.34
C GLN E 163 -38.86 -36.27 15.24
N VAL E 164 -39.79 -36.08 14.31
CA VAL E 164 -39.56 -35.16 13.20
C VAL E 164 -39.50 -33.72 13.69
N ILE E 165 -40.32 -33.39 14.68
CA ILE E 165 -40.35 -32.00 15.16
C ILE E 165 -39.03 -31.64 15.84
N THR E 166 -38.53 -32.49 16.74
CA THR E 166 -37.25 -32.21 17.38
C THR E 166 -36.11 -32.30 16.37
N SER E 167 -36.21 -33.21 15.40
CA SER E 167 -35.17 -33.28 14.38
C SER E 167 -35.12 -31.99 13.57
N LEU E 168 -36.29 -31.43 13.23
CA LEU E 168 -36.32 -30.19 12.47
C LEU E 168 -35.82 -29.02 13.29
N LEU E 169 -36.21 -28.93 14.56
CA LEU E 169 -35.76 -27.83 15.40
C LEU E 169 -34.25 -27.87 15.58
N LEU E 170 -33.71 -29.05 15.90
CA LEU E 170 -32.27 -29.16 16.06
C LEU E 170 -31.56 -28.93 14.73
N GLY E 171 -32.15 -29.38 13.62
CA GLY E 171 -31.53 -29.19 12.33
C GLY E 171 -31.47 -27.73 11.92
N THR E 172 -32.53 -26.97 12.18
CA THR E 172 -32.47 -25.55 11.85
C THR E 172 -31.56 -24.79 12.80
N LEU E 173 -31.50 -25.20 14.08
CA LEU E 173 -30.53 -24.59 14.98
C LEU E 173 -29.11 -24.83 14.50
N ILE E 174 -28.81 -26.08 14.10
CA ILE E 174 -27.48 -26.39 13.60
C ILE E 174 -27.20 -25.64 12.31
N PHE E 175 -28.19 -25.57 11.41
CA PHE E 175 -27.98 -24.89 10.14
C PHE E 175 -27.70 -23.41 10.34
N CYS E 176 -28.46 -22.75 11.21
CA CYS E 176 -28.23 -21.32 11.42
C CYS E 176 -26.94 -21.08 12.20
N ALA E 177 -26.55 -21.98 13.10
CA ALA E 177 -25.26 -21.85 13.76
C ALA E 177 -24.11 -21.96 12.77
N VAL E 178 -24.17 -22.98 11.90
CA VAL E 178 -23.15 -23.15 10.87
C VAL E 178 -23.12 -21.94 9.95
N LEU E 179 -24.30 -21.46 9.55
CA LEU E 179 -24.37 -20.31 8.66
C LEU E 179 -23.75 -19.08 9.30
N GLY E 180 -24.09 -18.81 10.56
CA GLY E 180 -23.57 -17.63 11.22
C GLY E 180 -22.05 -17.68 11.38
N ASN E 181 -21.55 -18.82 11.87
CA ASN E 181 -20.11 -18.91 12.11
C ASN E 181 -19.34 -18.91 10.81
N ALA E 182 -19.83 -19.62 9.79
CA ALA E 182 -19.16 -19.63 8.49
C ALA E 182 -19.22 -18.26 7.83
N CYS E 183 -20.31 -17.51 8.01
CA CYS E 183 -20.39 -16.16 7.46
C CYS E 183 -19.40 -15.24 8.15
N VAL E 184 -19.22 -15.38 9.46
CA VAL E 184 -18.22 -14.55 10.14
C VAL E 184 -16.82 -14.90 9.65
N VAL E 185 -16.52 -16.18 9.49
CA VAL E 185 -15.20 -16.59 8.98
C VAL E 185 -15.00 -16.07 7.56
N ALA E 186 -16.05 -16.14 6.74
CA ALA E 186 -15.97 -15.63 5.37
C ALA E 186 -15.76 -14.13 5.34
N ALA E 187 -16.48 -13.39 6.19
CA ALA E 187 -16.29 -11.96 6.25
C ALA E 187 -14.88 -11.60 6.72
N ILE E 188 -14.29 -12.43 7.57
CA ILE E 188 -12.90 -12.20 7.96
C ILE E 188 -11.96 -12.46 6.79
N ALA E 189 -12.13 -13.59 6.12
CA ALA E 189 -11.19 -13.99 5.08
C ALA E 189 -11.28 -13.10 3.84
N LEU E 190 -12.49 -12.62 3.52
CA LEU E 190 -12.73 -11.88 2.30
C LEU E 190 -12.48 -10.38 2.46
N GLU E 191 -13.08 -9.77 3.49
CA GLU E 191 -12.96 -8.33 3.66
C GLU E 191 -11.57 -7.97 4.17
N ARG E 192 -10.96 -6.97 3.54
CA ARG E 192 -9.64 -6.51 3.95
C ARG E 192 -9.71 -5.70 5.24
N SER E 193 -10.82 -5.02 5.50
CA SER E 193 -10.96 -4.16 6.66
C SER E 193 -11.31 -4.93 7.93
N LEU E 194 -11.23 -6.25 7.90
CA LEU E 194 -11.54 -7.08 9.07
C LEU E 194 -10.37 -7.94 9.52
N GLN E 195 -9.18 -7.76 8.95
CA GLN E 195 -8.01 -8.49 9.41
C GLN E 195 -7.29 -7.65 10.46
N ASN E 196 -7.57 -7.94 11.73
CA ASN E 196 -6.88 -7.32 12.85
C ASN E 196 -7.03 -8.24 14.05
N VAL E 197 -6.27 -7.92 15.10
CA VAL E 197 -6.14 -8.84 16.24
C VAL E 197 -7.50 -9.13 16.86
N ALA E 198 -8.29 -8.09 17.08
CA ALA E 198 -9.61 -8.27 17.68
C ALA E 198 -10.48 -9.14 16.80
N ASN E 199 -10.51 -8.87 15.50
CA ASN E 199 -11.29 -9.69 14.58
C ASN E 199 -10.65 -11.03 14.31
N TYR E 200 -9.33 -11.16 14.48
CA TYR E 200 -8.73 -12.49 14.46
C TYR E 200 -9.26 -13.35 15.59
N LEU E 201 -9.36 -12.79 16.80
CA LEU E 201 -9.95 -13.53 17.90
C LEU E 201 -11.42 -13.81 17.67
N ILE E 202 -12.17 -12.84 17.14
CA ILE E 202 -13.59 -13.04 16.90
C ILE E 202 -13.81 -14.13 15.85
N GLY E 203 -13.03 -14.09 14.77
CA GLY E 203 -13.18 -15.09 13.74
C GLY E 203 -12.65 -16.45 14.14
N SER E 204 -11.68 -16.50 15.06
CA SER E 204 -11.26 -17.78 15.60
C SER E 204 -12.33 -18.36 16.51
N LEU E 205 -13.02 -17.51 17.26
CA LEU E 205 -14.19 -17.96 18.01
C LEU E 205 -15.26 -18.48 17.06
N ALA E 206 -15.43 -17.81 15.92
CA ALA E 206 -16.38 -18.29 14.91
C ALA E 206 -15.94 -19.62 14.32
N VAL E 207 -14.64 -19.79 14.11
CA VAL E 207 -14.11 -21.07 13.64
C VAL E 207 -14.36 -22.18 14.66
N THR E 208 -14.11 -21.88 15.94
CA THR E 208 -14.34 -22.86 16.99
C THR E 208 -15.82 -23.22 17.10
N ASP E 209 -16.70 -22.23 16.97
CA ASP E 209 -18.13 -22.50 17.02
C ASP E 209 -18.61 -23.19 15.75
N LEU E 210 -17.92 -22.98 14.63
CA LEU E 210 -18.23 -23.73 13.42
C LEU E 210 -17.81 -25.19 13.56
N MET E 211 -16.66 -25.43 14.17
CA MET E 211 -16.26 -26.80 14.46
C MET E 211 -17.25 -27.45 15.41
N VAL E 212 -17.71 -26.71 16.41
CA VAL E 212 -18.82 -27.20 17.25
C VAL E 212 -20.00 -27.58 16.35
N SER E 213 -20.53 -26.60 15.62
CA SER E 213 -21.77 -26.77 14.88
C SER E 213 -21.68 -27.84 13.80
N VAL E 214 -20.48 -28.23 13.38
CA VAL E 214 -20.32 -29.21 12.32
C VAL E 214 -19.98 -30.58 12.89
N LEU E 215 -18.92 -30.65 13.70
CA LEU E 215 -18.42 -31.92 14.20
C LEU E 215 -19.08 -32.36 15.49
N VAL E 216 -19.99 -31.57 16.07
CA VAL E 216 -20.52 -31.83 17.38
C VAL E 216 -22.03 -31.82 17.35
N LEU E 217 -22.60 -30.71 16.88
CA LEU E 217 -24.05 -30.55 16.91
C LEU E 217 -24.79 -31.62 16.14
N PRO E 218 -24.36 -32.05 14.95
CA PRO E 218 -25.05 -33.20 14.33
C PRO E 218 -25.06 -34.44 15.20
N MET E 219 -23.96 -34.75 15.89
CA MET E 219 -23.93 -35.92 16.76
C MET E 219 -24.83 -35.74 17.98
N ALA E 220 -24.78 -34.57 18.60
CA ALA E 220 -25.67 -34.31 19.73
C ALA E 220 -27.13 -34.38 19.32
N ALA E 221 -27.45 -33.85 18.14
CA ALA E 221 -28.83 -33.88 17.66
C ALA E 221 -29.25 -35.29 17.29
N LEU E 222 -28.35 -36.08 16.71
CA LEU E 222 -28.66 -37.48 16.42
C LEU E 222 -28.93 -38.25 17.71
N TYR E 223 -28.10 -38.02 18.73
CA TYR E 223 -28.30 -38.69 20.01
C TYR E 223 -29.58 -38.22 20.70
N GLN E 224 -29.98 -36.96 20.48
CA GLN E 224 -31.22 -36.47 21.08
C GLN E 224 -32.45 -36.99 20.35
N VAL E 225 -32.36 -37.13 19.02
CA VAL E 225 -33.50 -37.62 18.25
C VAL E 225 -33.68 -39.11 18.45
N LEU E 226 -32.62 -39.89 18.24
CA LEU E 226 -32.70 -41.33 18.40
C LEU E 226 -32.91 -41.74 19.85
N ASN E 227 -32.65 -40.83 20.80
CA ASN E 227 -32.79 -41.08 22.23
C ASN E 227 -31.83 -42.16 22.71
N LYS E 228 -30.96 -42.64 21.82
CA LYS E 228 -29.98 -43.66 22.15
C LYS E 228 -28.72 -43.41 21.33
N TRP E 229 -27.62 -44.00 21.78
CA TRP E 229 -26.36 -43.95 21.05
C TRP E 229 -26.22 -45.28 20.30
N THR E 230 -26.78 -45.32 19.08
CA THR E 230 -26.71 -46.52 18.27
C THR E 230 -25.31 -46.81 17.75
N LEU E 231 -24.41 -45.84 17.82
CA LEU E 231 -23.03 -46.03 17.36
C LEU E 231 -22.24 -46.76 18.43
N GLY E 232 -20.92 -46.83 18.26
CA GLY E 232 -20.08 -47.53 19.21
C GLY E 232 -19.76 -46.70 20.44
N GLN E 233 -19.12 -47.37 21.41
CA GLN E 233 -18.62 -46.67 22.57
C GLN E 233 -17.34 -45.90 22.27
N VAL E 234 -16.50 -46.43 21.36
CA VAL E 234 -15.27 -45.73 21.01
C VAL E 234 -15.58 -44.41 20.34
N THR E 235 -16.53 -44.40 19.41
CA THR E 235 -16.92 -43.16 18.78
C THR E 235 -17.69 -42.26 19.74
N CYS E 236 -18.36 -42.84 20.74
CA CYS E 236 -18.97 -42.01 21.78
C CYS E 236 -17.90 -41.25 22.55
N ASP E 237 -16.84 -41.94 22.96
CA ASP E 237 -15.75 -41.27 23.67
C ASP E 237 -15.08 -40.24 22.78
N LEU E 238 -14.90 -40.57 21.49
CA LEU E 238 -14.31 -39.63 20.55
C LEU E 238 -15.15 -38.36 20.45
N PHE E 239 -16.45 -38.50 20.27
CA PHE E 239 -17.30 -37.32 20.05
C PHE E 239 -17.52 -36.55 21.35
N ILE E 240 -17.52 -37.22 22.50
CA ILE E 240 -17.57 -36.49 23.76
C ILE E 240 -16.29 -35.70 23.98
N ALA E 241 -15.14 -36.29 23.67
CA ALA E 241 -13.90 -35.55 23.78
C ALA E 241 -13.88 -34.36 22.83
N LEU E 242 -14.40 -34.55 21.62
CA LEU E 242 -14.46 -33.46 20.65
C LEU E 242 -15.40 -32.36 21.12
N ASP E 243 -16.57 -32.74 21.64
CA ASP E 243 -17.45 -31.82 22.36
C ASP E 243 -16.70 -30.99 23.38
N VAL E 244 -16.07 -31.64 24.34
CA VAL E 244 -15.45 -30.92 25.45
C VAL E 244 -14.36 -30.00 24.94
N LEU E 245 -13.52 -30.49 24.02
CA LEU E 245 -12.48 -29.68 23.43
C LEU E 245 -13.05 -28.42 22.77
N CYS E 246 -14.03 -28.61 21.89
CA CYS E 246 -14.55 -27.50 21.09
C CYS E 246 -15.30 -26.50 21.97
N CYS E 247 -16.12 -26.97 22.90
CA CYS E 247 -16.89 -26.06 23.72
C CYS E 247 -16.02 -25.35 24.75
N THR E 248 -15.05 -26.05 25.33
CA THR E 248 -14.09 -25.39 26.21
C THR E 248 -13.30 -24.34 25.46
N SER E 249 -12.89 -24.65 24.22
CA SER E 249 -12.18 -23.68 23.42
C SER E 249 -13.05 -22.49 23.06
N SER E 250 -14.36 -22.70 22.88
CA SER E 250 -15.25 -21.59 22.59
C SER E 250 -15.39 -20.67 23.80
N ILE E 251 -15.58 -21.25 24.99
CA ILE E 251 -15.65 -20.46 26.21
C ILE E 251 -14.35 -19.71 26.44
N TRP E 252 -13.22 -20.35 26.17
CA TRP E 252 -11.95 -19.68 26.38
C TRP E 252 -11.62 -18.69 25.27
N HIS E 253 -12.22 -18.81 24.08
CA HIS E 253 -12.17 -17.69 23.14
C HIS E 253 -12.97 -16.51 23.65
N LEU E 254 -14.11 -16.76 24.29
CA LEU E 254 -14.78 -15.65 24.98
C LEU E 254 -13.84 -14.99 25.98
N CYS E 255 -13.12 -15.80 26.75
CA CYS E 255 -12.14 -15.27 27.70
C CYS E 255 -11.02 -14.52 27.00
N ALA E 256 -10.53 -15.03 25.88
CA ALA E 256 -9.43 -14.39 25.16
C ALA E 256 -9.87 -13.06 24.56
N ILE E 257 -11.10 -13.00 24.04
CA ILE E 257 -11.66 -11.75 23.57
C ILE E 257 -11.79 -10.75 24.72
N ALA E 258 -12.26 -11.22 25.87
CA ALA E 258 -12.35 -10.34 27.03
C ALA E 258 -10.98 -9.82 27.45
N LEU E 259 -9.98 -10.69 27.45
CA LEU E 259 -8.63 -10.30 27.83
C LEU E 259 -8.04 -9.31 26.84
N ASP E 260 -8.26 -9.54 25.54
CA ASP E 260 -7.78 -8.61 24.53
C ASP E 260 -8.44 -7.26 24.67
N ARG E 261 -9.76 -7.22 24.91
CA ARG E 261 -10.44 -5.96 25.12
C ARG E 261 -9.94 -5.26 26.38
N TYR E 262 -9.71 -6.03 27.44
CA TYR E 262 -9.22 -5.46 28.68
C TYR E 262 -7.84 -4.83 28.49
N TRP E 263 -6.96 -5.51 27.75
CA TRP E 263 -5.64 -4.95 27.49
C TRP E 263 -5.71 -3.75 26.56
N ALA E 264 -6.63 -3.78 25.60
CA ALA E 264 -6.79 -2.66 24.69
C ALA E 264 -7.28 -1.42 25.43
N ILE E 265 -8.19 -1.61 26.38
CA ILE E 265 -8.83 -0.49 27.06
C ILE E 265 -7.99 0.02 28.22
N THR E 266 -7.31 -0.86 28.95
CA THR E 266 -6.52 -0.43 30.09
C THR E 266 -5.06 -0.21 29.76
N ASP E 267 -4.58 -0.72 28.64
CA ASP E 267 -3.18 -0.59 28.23
C ASP E 267 -3.12 -0.12 26.79
N PRO E 268 -3.36 1.16 26.54
CA PRO E 268 -3.26 1.68 25.17
C PRO E 268 -1.84 1.67 24.63
N ILE E 269 -0.84 1.84 25.51
CA ILE E 269 0.56 1.78 25.07
C ILE E 269 0.91 0.40 24.58
N ASP E 270 0.47 -0.64 25.29
CA ASP E 270 0.60 -2.00 24.80
C ASP E 270 -0.19 -2.20 23.50
N TYR E 271 -1.39 -1.63 23.44
CA TYR E 271 -2.22 -1.76 22.25
C TYR E 271 -1.48 -1.24 21.02
N VAL E 272 -0.73 -0.15 21.17
CA VAL E 272 -0.03 0.42 20.03
C VAL E 272 1.29 -0.29 19.78
N ASN E 273 2.12 -0.43 20.81
CA ASN E 273 3.50 -0.87 20.68
C ASN E 273 3.65 -2.38 20.61
N LYS E 274 2.94 -3.13 21.45
CA LYS E 274 3.20 -4.57 21.59
C LYS E 274 2.10 -5.47 21.07
N ARG E 275 0.96 -4.94 20.66
CA ARG E 275 -0.17 -5.76 20.26
C ARG E 275 -0.08 -6.10 18.78
N THR E 276 0.08 -7.38 18.48
CA THR E 276 0.29 -7.89 17.13
C THR E 276 -0.56 -9.13 16.96
N PRO E 277 -0.83 -9.53 15.71
CA PRO E 277 -1.58 -10.78 15.48
C PRO E 277 -0.92 -12.01 16.08
N ARG E 278 0.38 -11.95 16.40
CA ARG E 278 1.00 -13.07 17.09
C ARG E 278 0.39 -13.27 18.46
N ARG E 279 -0.03 -12.20 19.13
CA ARG E 279 -0.72 -12.35 20.40
C ARG E 279 -2.11 -12.97 20.22
N ALA E 280 -2.79 -12.63 19.13
CA ALA E 280 -4.04 -13.30 18.82
C ALA E 280 -3.84 -14.79 18.61
N ALA E 281 -2.80 -15.16 17.87
CA ALA E 281 -2.49 -16.57 17.65
C ALA E 281 -2.14 -17.26 18.96
N ALA E 282 -1.38 -16.58 19.82
CA ALA E 282 -1.04 -17.14 21.12
C ALA E 282 -2.28 -17.38 21.96
N LEU E 283 -3.21 -16.42 21.95
CA LEU E 283 -4.44 -16.58 22.71
C LEU E 283 -5.28 -17.74 22.17
N ILE E 284 -5.38 -17.85 20.85
CA ILE E 284 -6.15 -18.94 20.25
C ILE E 284 -5.53 -20.29 20.59
N SER E 285 -4.20 -20.37 20.50
CA SER E 285 -3.50 -21.60 20.86
C SER E 285 -3.71 -21.93 22.34
N LEU E 286 -3.75 -20.91 23.19
CA LEU E 286 -4.02 -21.14 24.61
C LEU E 286 -5.42 -21.70 24.83
N THR E 287 -6.41 -21.15 24.11
CA THR E 287 -7.77 -21.67 24.25
C THR E 287 -7.85 -23.12 23.82
N TRP E 288 -7.23 -23.46 22.69
CA TRP E 288 -7.27 -24.84 22.23
C TRP E 288 -6.45 -25.76 23.13
N LEU E 289 -5.36 -25.27 23.70
CA LEU E 289 -4.59 -26.07 24.65
C LEU E 289 -5.41 -26.36 25.91
N ILE E 290 -6.13 -25.37 26.42
CA ILE E 290 -6.99 -25.61 27.57
C ILE E 290 -8.09 -26.60 27.22
N GLY E 291 -8.66 -26.48 26.03
CA GLY E 291 -9.65 -27.45 25.60
C GLY E 291 -9.10 -28.86 25.57
N PHE E 292 -7.88 -29.03 25.04
CA PHE E 292 -7.23 -30.34 25.04
C PHE E 292 -7.00 -30.83 26.46
N LEU E 293 -6.44 -29.98 27.33
CA LEU E 293 -6.14 -30.39 28.69
C LEU E 293 -7.39 -30.74 29.47
N ILE E 294 -8.55 -30.22 29.06
CA ILE E 294 -9.79 -30.58 29.74
C ILE E 294 -10.43 -31.81 29.12
N SER E 295 -10.29 -32.01 27.81
CA SER E 295 -11.01 -33.05 27.10
C SER E 295 -10.26 -34.38 26.99
N ILE E 296 -8.95 -34.38 27.15
CA ILE E 296 -8.12 -35.57 26.96
C ILE E 296 -8.11 -36.50 28.17
N PRO E 297 -8.02 -36.01 29.41
CA PRO E 297 -7.91 -36.92 30.57
C PRO E 297 -9.03 -37.96 30.65
N PRO E 298 -10.29 -37.62 30.33
CA PRO E 298 -11.31 -38.68 30.35
C PRO E 298 -11.03 -39.80 29.36
N MET E 299 -10.37 -39.49 28.25
CA MET E 299 -9.93 -40.55 27.35
C MET E 299 -8.73 -41.30 27.91
N LEU E 300 -7.81 -40.58 28.58
CA LEU E 300 -6.64 -41.23 29.14
C LEU E 300 -6.96 -42.13 30.33
N GLY E 301 -8.12 -41.95 30.97
CA GLY E 301 -8.45 -42.83 32.07
C GLY E 301 -9.25 -42.26 33.23
N TRP E 302 -9.49 -40.94 33.25
CA TRP E 302 -10.35 -40.36 34.28
C TRP E 302 -11.78 -40.75 33.95
N ARG E 303 -12.12 -41.99 34.29
CA ARG E 303 -13.42 -42.55 33.93
C ARG E 303 -13.86 -43.60 34.94
N PRO E 311 -23.66 -48.50 27.51
CA PRO E 311 -25.04 -49.00 27.46
C PRO E 311 -25.98 -48.08 26.70
N ASP E 312 -25.86 -48.07 25.36
CA ASP E 312 -26.67 -47.26 24.45
C ASP E 312 -26.88 -45.84 24.96
N ALA E 313 -25.86 -45.26 25.59
CA ALA E 313 -25.90 -43.90 26.07
C ALA E 313 -24.52 -43.29 25.97
N CYS E 314 -24.47 -41.99 25.74
CA CYS E 314 -23.22 -41.27 25.54
C CYS E 314 -23.23 -40.05 26.43
N THR E 315 -22.44 -40.08 27.51
CA THR E 315 -22.38 -39.00 28.48
C THR E 315 -20.93 -38.57 28.67
N ILE E 316 -20.74 -37.53 29.47
CA ILE E 316 -19.43 -37.05 29.84
C ILE E 316 -19.01 -37.73 31.13
N SER E 317 -17.72 -38.05 31.24
CA SER E 317 -17.15 -38.75 32.39
C SER E 317 -17.61 -38.12 33.71
N LYS E 318 -18.35 -38.88 34.51
CA LYS E 318 -18.94 -38.38 35.73
C LYS E 318 -18.03 -38.54 36.94
N ASP E 319 -16.74 -38.78 36.72
CA ASP E 319 -15.81 -38.86 37.83
C ASP E 319 -15.80 -37.56 38.61
N HIS E 320 -15.88 -37.66 39.94
CA HIS E 320 -15.99 -36.46 40.75
C HIS E 320 -14.77 -35.57 40.61
N GLY E 321 -13.57 -36.16 40.66
CA GLY E 321 -12.38 -35.37 40.41
C GLY E 321 -12.36 -34.76 39.03
N TYR E 322 -12.72 -35.55 38.01
CA TYR E 322 -12.82 -35.01 36.67
C TYR E 322 -13.99 -34.04 36.55
N THR E 323 -15.08 -34.26 37.28
CA THR E 323 -16.17 -33.29 37.25
C THR E 323 -15.68 -31.92 37.71
N ILE E 324 -14.96 -31.88 38.83
CA ILE E 324 -14.41 -30.63 39.32
C ILE E 324 -13.45 -30.04 38.29
N TYR E 325 -12.53 -30.88 37.78
CA TYR E 325 -11.49 -30.40 36.88
C TYR E 325 -12.08 -29.83 35.60
N SER E 326 -13.06 -30.52 35.01
CA SER E 326 -13.63 -30.12 33.74
C SER E 326 -14.59 -28.94 33.88
N THR E 327 -15.42 -28.92 34.93
CA THR E 327 -16.35 -27.82 35.05
C THR E 327 -15.66 -26.54 35.51
N PHE E 328 -14.67 -26.65 36.39
CA PHE E 328 -14.00 -25.45 36.85
C PHE E 328 -13.06 -24.90 35.78
N GLY E 329 -12.32 -25.78 35.11
CA GLY E 329 -11.36 -25.33 34.11
C GLY E 329 -11.98 -24.89 32.80
N ALA E 330 -13.23 -25.27 32.54
CA ALA E 330 -13.88 -24.92 31.29
C ALA E 330 -14.96 -23.85 31.43
N PHE E 331 -15.59 -23.72 32.61
CA PHE E 331 -16.58 -22.67 32.76
C PHE E 331 -16.33 -21.76 33.95
N TYR E 332 -16.00 -22.32 35.11
CA TYR E 332 -15.99 -21.51 36.33
C TYR E 332 -14.76 -20.62 36.41
N ILE E 333 -13.58 -21.15 36.08
CA ILE E 333 -12.42 -20.28 35.90
C ILE E 333 -12.66 -19.29 34.76
N PRO E 334 -13.15 -19.69 33.58
CA PRO E 334 -13.55 -18.69 32.59
C PRO E 334 -14.61 -17.71 33.07
N LEU E 335 -15.60 -18.17 33.85
CA LEU E 335 -16.63 -17.27 34.32
C LEU E 335 -16.06 -16.20 35.24
N LEU E 336 -15.25 -16.61 36.23
CA LEU E 336 -14.62 -15.63 37.10
C LEU E 336 -13.69 -14.73 36.32
N LEU E 337 -12.93 -15.30 35.38
CA LEU E 337 -11.98 -14.50 34.61
C LEU E 337 -12.70 -13.41 33.82
N MET E 338 -13.76 -13.76 33.09
CA MET E 338 -14.45 -12.74 32.31
C MET E 338 -15.30 -11.82 33.17
N LEU E 339 -15.84 -12.30 34.30
CA LEU E 339 -16.53 -11.37 35.19
C LEU E 339 -15.57 -10.31 35.71
N VAL E 340 -14.37 -10.73 36.12
CA VAL E 340 -13.37 -9.79 36.61
C VAL E 340 -12.92 -8.86 35.49
N LEU E 341 -12.62 -9.41 34.32
CA LEU E 341 -12.10 -8.61 33.22
C LEU E 341 -13.13 -7.60 32.73
N TYR E 342 -14.38 -8.01 32.60
CA TYR E 342 -15.41 -7.09 32.14
C TYR E 342 -15.87 -6.15 33.24
N GLY E 343 -15.69 -6.49 34.52
CA GLY E 343 -15.91 -5.52 35.57
C GLY E 343 -14.86 -4.41 35.54
N ARG E 344 -13.61 -4.79 35.32
CA ARG E 344 -12.57 -3.77 35.19
C ARG E 344 -12.73 -2.98 33.91
N ILE E 345 -13.18 -3.62 32.84
CA ILE E 345 -13.50 -2.92 31.61
C ILE E 345 -14.66 -1.95 31.84
N PHE E 346 -15.64 -2.35 32.62
CA PHE E 346 -16.76 -1.47 32.96
C PHE E 346 -16.29 -0.27 33.75
N ARG E 347 -15.40 -0.48 34.72
CA ARG E 347 -14.86 0.63 35.48
C ARG E 347 -14.06 1.57 34.59
N ALA E 348 -13.27 1.02 33.66
CA ALA E 348 -12.52 1.87 32.74
C ALA E 348 -13.44 2.63 31.81
N ALA E 349 -14.51 1.99 31.32
CA ALA E 349 -15.46 2.66 30.45
C ALA E 349 -16.19 3.77 31.17
N ARG E 350 -16.62 3.54 32.41
CA ARG E 350 -17.23 4.61 33.19
C ARG E 350 -16.25 5.73 33.48
N PHE E 351 -14.99 5.40 33.76
CA PHE E 351 -14.01 6.44 33.98
C PHE E 351 -13.87 7.31 32.74
N ARG E 352 -13.77 6.69 31.57
CA ARG E 352 -13.60 7.45 30.34
C ARG E 352 -14.85 8.23 29.97
N ILE E 353 -16.03 7.73 30.34
CA ILE E 353 -17.27 8.42 30.00
C ILE E 353 -17.50 9.61 30.92
N ARG E 354 -17.42 9.38 32.24
CA ARG E 354 -17.63 10.47 33.18
C ARG E 354 -16.54 11.53 33.07
N LYS E 355 -15.29 11.10 32.89
CA LYS E 355 -14.19 12.03 32.75
C LYS E 355 -14.34 12.90 31.51
N ARG E 450 -27.17 29.69 29.45
CA ARG E 450 -27.84 29.72 28.15
C ARG E 450 -27.25 28.67 27.21
N LYS E 451 -26.43 29.12 26.27
CA LYS E 451 -25.79 28.19 25.34
C LYS E 451 -24.86 27.24 26.09
N ASN E 452 -24.11 27.75 27.05
CA ASN E 452 -23.23 26.90 27.85
C ASN E 452 -24.04 25.86 28.62
N GLU E 453 -25.16 26.26 29.21
CA GLU E 453 -25.99 25.32 29.96
C GLU E 453 -26.57 24.26 29.05
N ARG E 454 -27.04 24.65 27.85
CA ARG E 454 -27.57 23.68 26.91
C ARG E 454 -26.50 22.70 26.45
N ASN E 455 -25.30 23.21 26.18
CA ASN E 455 -24.21 22.33 25.76
C ASN E 455 -23.82 21.36 26.87
N ALA E 456 -23.78 21.84 28.12
CA ALA E 456 -23.47 20.95 29.24
C ALA E 456 -24.57 19.90 29.41
N GLU E 457 -25.83 20.29 29.20
CA GLU E 457 -26.91 19.32 29.28
C GLU E 457 -26.80 18.26 28.20
N ALA E 458 -26.43 18.67 26.98
CA ALA E 458 -26.21 17.70 25.91
C ALA E 458 -25.05 16.78 26.24
N LYS E 459 -23.99 17.32 26.83
CA LYS E 459 -22.87 16.50 27.25
C LYS E 459 -23.28 15.47 28.30
N ARG E 460 -24.09 15.89 29.27
CA ARG E 460 -24.57 14.95 30.28
C ARG E 460 -25.46 13.87 29.66
N LYS E 461 -26.34 14.27 28.74
CA LYS E 461 -27.20 13.30 28.09
C LYS E 461 -26.39 12.29 27.29
N MET E 462 -25.35 12.76 26.60
CA MET E 462 -24.51 11.85 25.83
C MET E 462 -23.71 10.93 26.74
N ALA E 463 -23.24 11.44 27.88
CA ALA E 463 -22.53 10.58 28.83
C ALA E 463 -23.45 9.51 29.40
N LEU E 464 -24.69 9.87 29.72
CA LEU E 464 -25.63 8.86 30.22
C LEU E 464 -25.99 7.85 29.15
N ALA E 465 -26.11 8.29 27.89
CA ALA E 465 -26.34 7.35 26.80
C ALA E 465 -25.16 6.39 26.65
N ARG E 466 -23.94 6.90 26.80
CA ARG E 466 -22.77 6.04 26.73
C ARG E 466 -22.73 5.04 27.89
N GLU E 467 -23.08 5.48 29.09
CA GLU E 467 -23.12 4.56 30.22
C GLU E 467 -24.17 3.47 30.02
N ARG E 468 -25.35 3.85 29.53
CA ARG E 468 -26.36 2.85 29.20
C ARG E 468 -25.88 1.92 28.10
N LYS E 469 -25.10 2.44 27.16
CA LYS E 469 -24.55 1.60 26.10
C LYS E 469 -23.57 0.57 26.67
N THR E 470 -22.71 0.98 27.60
CA THR E 470 -21.80 0.03 28.22
C THR E 470 -22.57 -1.02 29.02
N VAL E 471 -23.60 -0.60 29.76
CA VAL E 471 -24.39 -1.56 30.50
C VAL E 471 -25.06 -2.55 29.56
N LYS E 472 -25.61 -2.05 28.45
CA LYS E 472 -26.24 -2.95 27.49
C LYS E 472 -25.24 -3.90 26.87
N THR E 473 -24.05 -3.42 26.52
CA THR E 473 -23.06 -4.26 25.87
C THR E 473 -22.56 -5.35 26.81
N LEU E 474 -22.19 -4.97 28.03
CA LEU E 474 -21.72 -5.95 28.99
C LEU E 474 -22.83 -6.90 29.41
N GLY E 475 -24.06 -6.38 29.53
CA GLY E 475 -25.17 -7.26 29.79
C GLY E 475 -25.38 -8.28 28.70
N ILE E 476 -25.31 -7.85 27.44
CA ILE E 476 -25.47 -8.79 26.33
C ILE E 476 -24.38 -9.85 26.38
N ILE E 477 -23.12 -9.43 26.49
CA ILE E 477 -22.01 -10.38 26.51
C ILE E 477 -22.17 -11.36 27.66
N MET E 478 -22.15 -10.85 28.89
CA MET E 478 -22.13 -11.71 30.06
C MET E 478 -23.43 -12.47 30.22
N GLY E 479 -24.57 -11.86 29.88
CA GLY E 479 -25.83 -12.53 29.98
C GLY E 479 -25.97 -13.68 29.01
N THR E 480 -25.59 -13.49 27.74
CA THR E 480 -25.68 -14.62 26.83
C THR E 480 -24.74 -15.73 27.26
N PHE E 481 -23.50 -15.38 27.67
CA PHE E 481 -22.58 -16.41 28.12
C PHE E 481 -23.14 -17.17 29.33
N ILE E 482 -23.59 -16.44 30.35
CA ILE E 482 -24.02 -17.07 31.59
C ILE E 482 -25.32 -17.83 31.39
N LEU E 483 -26.34 -17.18 30.83
CA LEU E 483 -27.61 -17.85 30.65
C LEU E 483 -27.50 -19.05 29.72
N CYS E 484 -26.48 -19.08 28.86
CA CYS E 484 -26.31 -20.25 28.01
C CYS E 484 -25.52 -21.37 28.68
N TRP E 485 -24.43 -21.06 29.37
CA TRP E 485 -23.56 -22.12 29.87
C TRP E 485 -23.71 -22.41 31.35
N LEU E 486 -24.07 -21.43 32.16
CA LEU E 486 -24.16 -21.65 33.60
C LEU E 486 -25.16 -22.74 33.99
N PRO E 487 -26.37 -22.82 33.44
CA PRO E 487 -27.22 -23.98 33.77
C PRO E 487 -26.56 -25.30 33.49
N PHE E 488 -25.88 -25.40 32.34
CA PHE E 488 -25.23 -26.65 31.98
C PHE E 488 -24.14 -27.02 32.97
N PHE E 489 -23.35 -26.05 33.41
CA PHE E 489 -22.25 -26.38 34.28
C PHE E 489 -22.67 -26.52 35.74
N ILE E 490 -23.77 -25.88 36.15
CA ILE E 490 -24.34 -26.19 37.46
C ILE E 490 -24.84 -27.64 37.49
N VAL E 491 -25.57 -28.07 36.46
CA VAL E 491 -26.04 -29.45 36.49
C VAL E 491 -24.85 -30.41 36.32
N ALA E 492 -23.87 -30.04 35.50
CA ALA E 492 -22.70 -30.88 35.29
C ALA E 492 -21.80 -30.94 36.51
N LEU E 493 -21.94 -30.00 37.44
CA LEU E 493 -21.21 -30.04 38.69
C LEU E 493 -21.99 -30.78 39.78
N VAL E 494 -23.29 -30.57 39.88
CA VAL E 494 -24.03 -31.12 41.00
C VAL E 494 -24.51 -32.55 40.76
N LEU E 495 -24.84 -32.92 39.52
CA LEU E 495 -25.33 -34.27 39.27
C LEU E 495 -24.31 -35.36 39.60
N PRO E 496 -23.04 -35.25 39.22
CA PRO E 496 -22.09 -36.31 39.61
C PRO E 496 -21.96 -36.49 41.11
N PHE E 497 -22.25 -35.46 41.89
CA PHE E 497 -22.20 -35.54 43.34
C PHE E 497 -23.55 -35.85 43.97
N CYS E 498 -24.59 -36.01 43.16
CA CYS E 498 -25.91 -36.42 43.64
C CYS E 498 -26.04 -37.92 43.36
N GLU E 499 -25.90 -38.73 44.41
CA GLU E 499 -25.99 -40.17 44.26
C GLU E 499 -27.37 -40.58 43.73
N SER E 500 -28.42 -40.28 44.50
CA SER E 500 -29.77 -40.55 44.06
C SER E 500 -30.75 -39.41 44.33
N SER E 501 -30.37 -38.40 45.11
CA SER E 501 -31.31 -37.32 45.45
C SER E 501 -31.68 -36.50 44.23
N CYS E 502 -30.71 -36.20 43.37
CA CYS E 502 -30.90 -35.34 42.22
C CYS E 502 -31.18 -36.20 40.99
N HIS E 503 -32.41 -36.12 40.48
CA HIS E 503 -32.79 -36.72 39.22
C HIS E 503 -32.98 -35.61 38.19
N MET E 504 -32.29 -35.71 37.07
CA MET E 504 -32.38 -34.70 36.03
C MET E 504 -33.49 -35.07 35.06
N PRO E 505 -34.56 -34.29 34.97
CA PRO E 505 -35.59 -34.56 33.95
C PRO E 505 -34.99 -34.51 32.55
N THR E 506 -35.48 -35.38 31.68
CA THR E 506 -34.91 -35.49 30.35
C THR E 506 -35.14 -34.22 29.53
N LEU E 507 -36.34 -33.64 29.63
CA LEU E 507 -36.63 -32.41 28.90
C LEU E 507 -35.78 -31.26 29.41
N LEU E 508 -35.75 -31.06 30.74
CA LEU E 508 -34.94 -30.00 31.32
C LEU E 508 -33.45 -30.25 31.06
N GLY E 509 -33.02 -31.50 31.19
CA GLY E 509 -31.63 -31.82 30.92
C GLY E 509 -31.23 -31.51 29.49
N ALA E 510 -32.11 -31.83 28.54
CA ALA E 510 -31.81 -31.57 27.13
C ALA E 510 -31.81 -30.08 26.82
N ILE E 511 -32.76 -29.33 27.38
CA ILE E 511 -32.77 -27.89 27.17
C ILE E 511 -31.51 -27.25 27.75
N ILE E 512 -31.11 -27.69 28.95
CA ILE E 512 -29.90 -27.19 29.57
C ILE E 512 -28.67 -27.56 28.75
N ASN E 513 -28.67 -28.77 28.18
CA ASN E 513 -27.57 -29.19 27.32
C ASN E 513 -27.46 -28.31 26.08
N TRP E 514 -28.60 -27.99 25.47
CA TRP E 514 -28.61 -27.26 24.21
C TRP E 514 -28.52 -25.76 24.41
N LEU E 515 -28.58 -25.26 25.65
CA LEU E 515 -28.34 -23.84 25.87
C LEU E 515 -26.89 -23.45 25.56
N GLY E 516 -25.92 -24.27 25.94
CA GLY E 516 -24.53 -23.97 25.58
C GLY E 516 -24.29 -24.07 24.09
N TYR E 517 -24.94 -25.03 23.44
CA TYR E 517 -24.89 -25.10 21.98
C TYR E 517 -25.49 -23.85 21.36
N SER E 518 -26.57 -23.34 21.96
CA SER E 518 -27.11 -22.05 21.54
C SER E 518 -26.11 -20.92 21.78
N ASN E 519 -25.26 -21.05 22.79
CA ASN E 519 -24.18 -20.08 22.94
C ASN E 519 -23.23 -20.12 21.76
N SER E 520 -22.91 -21.32 21.30
CA SER E 520 -22.11 -21.43 20.08
C SER E 520 -22.83 -20.79 18.90
N LEU E 521 -24.16 -20.88 18.89
CA LEU E 521 -24.94 -20.19 17.86
C LEU E 521 -24.83 -18.68 17.99
N LEU E 522 -24.93 -18.15 19.22
CA LEU E 522 -25.08 -16.73 19.47
C LEU E 522 -23.78 -15.96 19.52
N ASN E 523 -22.65 -16.64 19.70
CA ASN E 523 -21.37 -15.94 19.77
C ASN E 523 -21.09 -15.08 18.55
N PRO E 524 -21.32 -15.53 17.30
CA PRO E 524 -21.12 -14.61 16.17
C PRO E 524 -22.05 -13.41 16.21
N VAL E 525 -23.28 -13.58 16.69
CA VAL E 525 -24.19 -12.44 16.83
C VAL E 525 -23.63 -11.45 17.84
N ILE E 526 -23.14 -11.94 18.97
CA ILE E 526 -22.68 -11.06 20.03
C ILE E 526 -21.41 -10.34 19.61
N TYR E 527 -20.49 -11.03 18.94
CA TYR E 527 -19.17 -10.46 18.69
C TYR E 527 -18.95 -9.98 17.27
N ALA E 528 -19.74 -10.44 16.30
CA ALA E 528 -19.57 -10.01 14.92
C ALA E 528 -20.78 -9.30 14.36
N TYR E 529 -21.97 -9.90 14.43
CA TYR E 529 -23.12 -9.31 13.76
C TYR E 529 -23.61 -8.04 14.43
N PHE E 530 -23.24 -7.82 15.69
CA PHE E 530 -23.49 -6.52 16.32
C PHE E 530 -22.42 -5.49 15.98
N ASN E 531 -21.29 -5.92 15.45
CA ASN E 531 -20.19 -5.03 15.14
C ASN E 531 -20.52 -4.16 13.92
N LYS E 532 -20.04 -2.91 13.96
CA LYS E 532 -20.24 -2.01 12.84
C LYS E 532 -19.50 -2.50 11.60
N ASP E 533 -18.23 -2.86 11.75
CA ASP E 533 -17.42 -3.20 10.58
C ASP E 533 -17.83 -4.53 9.96
N PHE E 534 -18.16 -5.51 10.78
CA PHE E 534 -18.67 -6.78 10.25
C PHE E 534 -19.97 -6.57 9.49
N GLN E 535 -20.88 -5.80 10.08
CA GLN E 535 -22.17 -5.56 9.43
C GLN E 535 -22.00 -4.80 8.13
N ASN E 536 -21.06 -3.84 8.09
CA ASN E 536 -20.75 -3.16 6.85
C ASN E 536 -20.16 -4.12 5.82
N ALA E 537 -19.28 -5.02 6.24
CA ALA E 537 -18.70 -5.98 5.31
C ALA E 537 -19.75 -6.94 4.76
N PHE E 538 -20.78 -7.26 5.56
CA PHE E 538 -21.88 -8.06 5.05
C PHE E 538 -22.77 -7.26 4.12
N LYS E 539 -22.94 -5.97 4.37
CA LYS E 539 -23.65 -5.11 3.42
C LYS E 539 -22.85 -4.91 2.14
N LYS E 540 -21.55 -5.16 2.17
CA LYS E 540 -20.69 -5.04 1.00
C LYS E 540 -20.42 -6.38 0.34
N ILE E 541 -21.14 -7.43 0.73
CA ILE E 541 -21.01 -8.74 0.09
C ILE E 541 -22.39 -9.30 -0.17
#